data_2J7H
#
_entry.id   2J7H
#
_cell.length_a   94.229
_cell.length_b   94.478
_cell.length_c   113.285
_cell.angle_alpha   90.00
_cell.angle_beta   90.00
_cell.angle_gamma   90.00
#
_symmetry.space_group_name_H-M   'P 21 21 21'
#
loop_
_entity.id
_entity.type
_entity.pdbx_description
1 polymer 'BETA-GLUCOSIDASE A'
2 non-polymer AZAFAGOMINE
3 non-polymer 'CALCIUM ION'
4 non-polymer 'ACETATE ION'
5 water water
#
_entity_poly.entity_id   1
_entity_poly.type   'polypeptide(L)'
_entity_poly.pdbx_seq_one_letter_code
;MGSSHHHHHHSSGLVPRGSHMASNVKKFPEGFLWGVATASYQIEGSPLADGAGMSIWHTFSHTPGNVKNGDTGDVACDHY
NRWKEDIEIIEKLGVKAYRFSISWPRILPEGTGRVNQKGLDFYNRIIDTLLEKGITPFVTIYHWDLPFALQLKGGWANRE
IADWFAEYSRVLFENFGDRVKNWITLNEPWVVAIVGHLYGVHAPGMRDIYVAFRAVHNLLRAHARAVKVFRETVKDGKIG
IVFNNGYFEPASEKEEDIRAVRFMHQFNNYPLFLNPIYRGDYPELVLEFAREYLPENYKDDMSEIQEKIDFVGLNYYSGH
LVKFDPDAPAKVSFVERDLPKTAMGWEIVPEGIYWILKKVKEEYNPPEVYITENGAAFDDVVSEDGRVHDQNRIDYLKAH
IGQAWKAIQEGVPLKGYFVWSLLDNFEWAEGYSKRFGIVYVDYSTQKRIVKDSGYWYSNVVKNNGLED
;
_entity_poly.pdbx_strand_id   A,B
#
# COMPACT_ATOMS: atom_id res chain seq x y z
N VAL A 25 -4.24 -25.82 -32.19
CA VAL A 25 -3.50 -24.77 -32.99
C VAL A 25 -4.27 -23.46 -33.12
N LYS A 26 -3.53 -22.36 -32.92
CA LYS A 26 -4.01 -21.03 -33.26
C LYS A 26 -2.93 -20.35 -34.09
N LYS A 27 -2.97 -20.57 -35.39
CA LYS A 27 -1.94 -20.03 -36.28
C LYS A 27 -2.37 -18.67 -36.83
N PHE A 28 -1.46 -17.71 -36.82
CA PHE A 28 -1.78 -16.33 -37.27
C PHE A 28 -1.58 -16.20 -38.81
N PRO A 29 -2.08 -15.11 -39.43
CA PRO A 29 -1.89 -14.95 -40.88
C PRO A 29 -0.44 -14.95 -41.27
N GLU A 30 -0.16 -15.37 -42.50
CA GLU A 30 1.21 -15.29 -43.02
C GLU A 30 1.73 -13.84 -42.97
N GLY A 31 2.95 -13.64 -42.50
CA GLY A 31 3.52 -12.30 -42.43
C GLY A 31 3.04 -11.44 -41.26
N PHE A 32 2.22 -12.00 -40.37
CA PHE A 32 1.83 -11.35 -39.12
C PHE A 32 3.09 -10.95 -38.34
N LEU A 33 3.06 -9.75 -37.76
CA LEU A 33 4.27 -9.16 -37.19
C LEU A 33 4.30 -9.31 -35.68
N TRP A 34 5.13 -10.24 -35.21
CA TRP A 34 5.35 -10.43 -33.78
C TRP A 34 6.45 -9.47 -33.31
N GLY A 35 6.14 -8.61 -32.33
CA GLY A 35 7.12 -7.66 -31.89
C GLY A 35 7.33 -7.57 -30.40
N VAL A 36 8.30 -6.73 -30.03
CA VAL A 36 8.48 -6.30 -28.65
C VAL A 36 8.56 -4.76 -28.67
N ALA A 37 8.27 -4.13 -27.53
CA ALA A 37 8.25 -2.66 -27.49
C ALA A 37 9.03 -2.10 -26.30
N THR A 38 9.66 -0.94 -26.52
CA THR A 38 10.33 -0.17 -25.47
C THR A 38 10.02 1.33 -25.67
N ALA A 39 10.52 2.19 -24.77
CA ALA A 39 10.45 3.66 -24.95
C ALA A 39 11.77 4.22 -24.46
N SER A 40 12.23 5.28 -25.11
CA SER A 40 13.56 5.89 -24.91
C SER A 40 13.89 6.20 -23.45
N TYR A 41 13.02 6.97 -22.78
CA TYR A 41 13.37 7.38 -21.39
C TYR A 41 13.34 6.16 -20.42
N GLN A 42 12.53 5.16 -20.73
CA GLN A 42 12.43 4.01 -19.85
C GLN A 42 13.63 3.08 -19.87
N ILE A 43 14.36 3.03 -21.00
CA ILE A 43 15.47 2.06 -21.11
C ILE A 43 16.86 2.65 -21.30
N GLU A 44 16.94 3.82 -21.94
CA GLU A 44 18.23 4.34 -22.43
C GLU A 44 19.27 4.75 -21.37
N GLY A 45 18.83 5.48 -20.35
CA GLY A 45 19.80 6.22 -19.49
C GLY A 45 20.60 7.24 -20.30
N SER A 46 21.66 7.77 -19.70
CA SER A 46 22.47 8.83 -20.29
C SER A 46 21.61 9.94 -20.94
N PRO A 47 20.62 10.48 -20.20
CA PRO A 47 19.68 11.49 -20.79
C PRO A 47 20.40 12.70 -21.33
N LEU A 48 21.54 13.06 -20.76
CA LEU A 48 22.25 14.30 -21.20
C LEU A 48 23.53 14.02 -21.98
N ALA A 49 23.74 12.76 -22.39
CA ALA A 49 24.94 12.43 -23.18
C ALA A 49 24.89 13.04 -24.56
N ASP A 50 26.08 13.31 -25.10
CA ASP A 50 26.28 13.71 -26.52
C ASP A 50 25.42 14.89 -26.95
N GLY A 51 25.38 15.93 -26.12
CA GLY A 51 24.66 17.15 -26.48
C GLY A 51 23.11 17.12 -26.39
N ALA A 52 22.53 16.07 -25.84
CA ALA A 52 21.06 16.00 -25.67
C ALA A 52 20.56 17.11 -24.75
N GLY A 53 19.35 17.65 -25.04
CA GLY A 53 18.71 18.60 -24.12
C GLY A 53 18.00 17.86 -22.98
N MET A 54 17.71 18.55 -21.89
CA MET A 54 16.85 17.97 -20.85
C MET A 54 15.43 17.67 -21.39
N SER A 55 14.81 16.61 -20.89
CA SER A 55 13.39 16.38 -21.16
C SER A 55 12.60 16.70 -19.91
N ILE A 56 11.27 16.77 -20.03
CA ILE A 56 10.39 16.98 -18.90
C ILE A 56 10.42 15.77 -17.98
N TRP A 57 10.79 14.57 -18.48
CA TRP A 57 10.90 13.43 -17.56
C TRP A 57 12.17 13.49 -16.72
N HIS A 58 13.23 14.07 -17.26
CA HIS A 58 14.43 14.35 -16.49
C HIS A 58 14.10 15.29 -15.31
N THR A 59 13.49 16.44 -15.61
CA THR A 59 13.22 17.45 -14.58
C THR A 59 12.14 16.98 -13.62
N PHE A 60 11.14 16.26 -14.13
CA PHE A 60 10.05 15.71 -13.28
C PHE A 60 10.60 14.65 -12.29
N SER A 61 11.39 13.71 -12.81
CA SER A 61 11.95 12.69 -11.90
C SER A 61 13.04 13.21 -10.97
N HIS A 62 13.65 14.36 -11.27
CA HIS A 62 14.63 14.95 -10.34
C HIS A 62 13.99 15.89 -9.33
N THR A 63 12.66 15.94 -9.36
CA THR A 63 11.92 16.71 -8.41
C THR A 63 11.45 15.78 -7.31
N PRO A 64 11.89 16.02 -6.04
CA PRO A 64 11.54 15.07 -4.94
C PRO A 64 10.06 14.84 -4.79
N GLY A 65 9.66 13.59 -4.54
CA GLY A 65 8.27 13.30 -4.32
C GLY A 65 7.47 12.85 -5.53
N ASN A 66 8.03 12.97 -6.73
CA ASN A 66 7.30 12.62 -7.95
C ASN A 66 7.34 11.16 -8.37
N VAL A 67 8.44 10.50 -8.06
CA VAL A 67 8.69 9.11 -8.50
C VAL A 67 9.07 8.26 -7.30
N LYS A 68 8.45 7.08 -7.22
CA LYS A 68 8.76 6.13 -6.16
C LYS A 68 10.28 5.96 -5.94
N ASN A 69 10.69 6.00 -4.66
CA ASN A 69 12.10 5.79 -4.27
C ASN A 69 13.10 6.79 -4.83
N GLY A 70 12.62 7.88 -5.38
CA GLY A 70 13.53 8.87 -5.94
C GLY A 70 14.16 8.38 -7.23
N ASP A 71 13.57 7.37 -7.85
CA ASP A 71 14.15 6.76 -9.07
C ASP A 71 14.14 7.73 -10.24
N THR A 72 15.12 7.64 -11.13
CA THR A 72 15.12 8.47 -12.32
C THR A 72 15.51 7.65 -13.53
N GLY A 73 15.43 8.26 -14.70
CA GLY A 73 15.95 7.64 -15.91
C GLY A 73 17.44 7.88 -16.20
N ASP A 74 18.22 8.28 -15.19
CA ASP A 74 19.65 8.56 -15.42
C ASP A 74 20.42 7.39 -16.02
N VAL A 75 20.16 6.20 -15.50
CA VAL A 75 20.86 5.01 -15.97
C VAL A 75 19.90 4.00 -16.63
N ALA A 76 18.76 3.76 -16.00
CA ALA A 76 17.71 2.82 -16.51
C ALA A 76 18.37 1.48 -16.88
N CYS A 77 18.16 1.01 -18.12
CA CYS A 77 18.77 -0.24 -18.60
C CYS A 77 20.12 -0.01 -19.31
N ASP A 78 20.65 1.21 -19.23
CA ASP A 78 21.86 1.62 -19.96
C ASP A 78 21.79 1.21 -21.45
N HIS A 79 20.60 1.24 -22.07
CA HIS A 79 20.47 0.84 -23.47
C HIS A 79 21.30 1.80 -24.34
N TYR A 80 21.55 2.99 -23.82
CA TYR A 80 22.30 3.97 -24.60
C TYR A 80 23.68 3.40 -24.95
N ASN A 81 24.22 2.55 -24.07
CA ASN A 81 25.49 1.84 -24.35
C ASN A 81 25.33 0.38 -24.82
N ARG A 82 24.24 -0.26 -24.39
CA ARG A 82 24.04 -1.71 -24.53
C ARG A 82 23.09 -2.07 -25.65
N TRP A 83 22.77 -1.07 -26.48
CA TRP A 83 21.84 -1.24 -27.58
C TRP A 83 22.14 -2.44 -28.50
N LYS A 84 23.41 -2.68 -28.86
CA LYS A 84 23.78 -3.78 -29.77
C LYS A 84 23.41 -5.14 -29.14
N GLU A 85 23.82 -5.34 -27.89
CA GLU A 85 23.45 -6.52 -27.10
C GLU A 85 21.93 -6.77 -27.06
N ASP A 86 21.17 -5.70 -26.78
CA ASP A 86 19.70 -5.79 -26.70
C ASP A 86 19.04 -6.22 -28.00
N ILE A 87 19.51 -5.66 -29.11
CA ILE A 87 19.01 -6.02 -30.43
C ILE A 87 19.42 -7.49 -30.70
N GLU A 88 20.66 -7.85 -30.41
CA GLU A 88 21.10 -9.27 -30.53
C GLU A 88 20.17 -10.21 -29.77
N ILE A 89 19.64 -9.76 -28.62
CA ILE A 89 18.58 -10.51 -27.92
C ILE A 89 17.28 -10.65 -28.71
N ILE A 90 16.83 -9.55 -29.31
CA ILE A 90 15.64 -9.57 -30.17
C ILE A 90 15.87 -10.55 -31.33
N GLU A 91 17.03 -10.44 -31.99
CA GLU A 91 17.45 -11.34 -33.10
C GLU A 91 17.44 -12.81 -32.63
N LYS A 92 18.17 -13.09 -31.55
CA LYS A 92 18.25 -14.47 -30.98
C LYS A 92 16.87 -15.07 -30.62
N LEU A 93 15.93 -14.24 -30.16
CA LEU A 93 14.56 -14.71 -29.91
C LEU A 93 13.74 -14.86 -31.18
N GLY A 94 14.26 -14.37 -32.30
CA GLY A 94 13.55 -14.46 -33.59
C GLY A 94 12.35 -13.54 -33.72
N VAL A 95 12.28 -12.55 -32.83
CA VAL A 95 11.23 -11.55 -32.86
C VAL A 95 11.37 -10.71 -34.15
N LYS A 96 10.25 -10.49 -34.81
CA LYS A 96 10.27 -9.93 -36.16
C LYS A 96 10.15 -8.41 -36.27
N ALA A 97 9.70 -7.75 -35.19
CA ALA A 97 9.51 -6.31 -35.20
C ALA A 97 9.95 -5.71 -33.88
N TYR A 98 10.49 -4.49 -33.91
CA TYR A 98 10.86 -3.81 -32.65
C TYR A 98 10.23 -2.41 -32.68
N ARG A 99 9.36 -2.17 -31.71
CA ARG A 99 8.80 -0.84 -31.50
C ARG A 99 9.66 -0.12 -30.49
N PHE A 100 10.26 1.00 -30.91
CA PHE A 100 11.06 1.80 -29.98
C PHE A 100 10.75 3.29 -30.22
N SER A 101 11.10 4.13 -29.28
CA SER A 101 10.82 5.55 -29.47
C SER A 101 12.10 6.36 -29.55
N ILE A 102 11.95 7.55 -30.12
CA ILE A 102 13.04 8.48 -30.27
C ILE A 102 12.86 9.61 -29.25
N SER A 103 13.96 9.92 -28.55
CA SER A 103 14.02 11.06 -27.62
C SER A 103 14.14 12.37 -28.42
N TRP A 104 13.05 13.12 -28.44
CA TRP A 104 13.02 14.42 -29.10
C TRP A 104 14.20 15.29 -28.67
N PRO A 105 14.46 15.44 -27.36
CA PRO A 105 15.63 16.30 -27.03
C PRO A 105 17.02 15.76 -27.40
N ARG A 106 17.16 14.47 -27.74
CA ARG A 106 18.46 14.06 -28.30
C ARG A 106 18.60 14.60 -29.73
N ILE A 107 17.49 14.79 -30.42
CA ILE A 107 17.49 15.15 -31.83
C ILE A 107 17.52 16.65 -31.95
N LEU A 108 16.64 17.32 -31.20
CA LEU A 108 16.58 18.79 -31.25
C LEU A 108 16.63 19.24 -29.79
N PRO A 109 17.82 19.51 -29.27
CA PRO A 109 18.05 19.78 -27.84
C PRO A 109 17.20 20.94 -27.23
N GLU A 110 16.89 21.94 -28.05
CA GLU A 110 15.99 23.03 -27.64
C GLU A 110 14.58 22.81 -28.15
N GLY A 111 14.32 21.63 -28.72
CA GLY A 111 12.99 21.29 -29.21
C GLY A 111 12.73 21.66 -30.66
N THR A 112 13.13 22.87 -31.05
CA THR A 112 13.10 23.29 -32.44
C THR A 112 14.45 23.89 -32.78
N GLY A 113 14.69 24.11 -34.08
CA GLY A 113 15.95 24.77 -34.51
C GLY A 113 17.06 23.76 -34.67
N ARG A 114 18.06 23.82 -33.78
CA ARG A 114 19.28 23.05 -33.94
C ARG A 114 19.04 21.53 -33.91
N VAL A 115 19.65 20.85 -34.86
CA VAL A 115 19.65 19.39 -34.93
C VAL A 115 21.01 18.83 -34.48
N ASN A 116 20.96 17.88 -33.56
CA ASN A 116 22.10 17.23 -32.95
C ASN A 116 22.45 15.92 -33.71
N GLN A 117 23.55 15.94 -34.45
CA GLN A 117 23.94 14.79 -35.28
C GLN A 117 24.24 13.52 -34.46
N LYS A 118 24.74 13.69 -33.25
CA LYS A 118 25.02 12.53 -32.41
C LYS A 118 23.74 11.84 -31.93
N GLY A 119 22.65 12.60 -31.82
CA GLY A 119 21.38 12.04 -31.49
C GLY A 119 20.88 11.22 -32.65
N LEU A 120 21.03 11.76 -33.86
CA LEU A 120 20.65 11.01 -35.07
C LEU A 120 21.51 9.76 -35.27
N ASP A 121 22.82 9.90 -35.02
CA ASP A 121 23.78 8.79 -35.08
C ASP A 121 23.33 7.63 -34.17
N PHE A 122 22.98 7.91 -32.90
CA PHE A 122 22.45 6.88 -31.97
C PHE A 122 21.31 6.02 -32.56
N TYR A 123 20.26 6.67 -33.09
CA TYR A 123 19.15 5.98 -33.73
C TYR A 123 19.48 5.41 -35.13
N ASN A 124 20.32 6.11 -35.90
CA ASN A 124 20.82 5.52 -37.15
C ASN A 124 21.44 4.11 -36.96
N ARG A 125 22.33 3.97 -35.97
CA ARG A 125 22.96 2.68 -35.65
C ARG A 125 21.97 1.59 -35.25
N ILE A 126 20.98 1.95 -34.45
CA ILE A 126 19.92 1.01 -34.07
C ILE A 126 19.12 0.59 -35.30
N ILE A 127 18.74 1.57 -36.12
CA ILE A 127 17.95 1.31 -37.33
C ILE A 127 18.72 0.39 -38.30
N ASP A 128 19.98 0.71 -38.58
CA ASP A 128 20.75 -0.08 -39.56
C ASP A 128 20.97 -1.50 -39.07
N THR A 129 21.22 -1.65 -37.76
CA THR A 129 21.41 -2.93 -37.13
C THR A 129 20.17 -3.80 -37.22
N LEU A 130 19.01 -3.24 -36.88
CA LEU A 130 17.74 -3.94 -37.03
C LEU A 130 17.54 -4.47 -38.47
N LEU A 131 17.63 -3.55 -39.44
CA LEU A 131 17.51 -3.93 -40.86
C LEU A 131 18.51 -5.00 -41.29
N GLU A 132 19.78 -4.86 -40.91
CA GLU A 132 20.80 -5.89 -41.17
C GLU A 132 20.32 -7.24 -40.62
N LYS A 133 19.65 -7.23 -39.46
CA LYS A 133 19.21 -8.48 -38.83
C LYS A 133 17.80 -8.93 -39.23
N GLY A 134 17.21 -8.28 -40.22
CA GLY A 134 15.86 -8.63 -40.68
C GLY A 134 14.72 -8.33 -39.69
N ILE A 135 14.90 -7.33 -38.83
CA ILE A 135 13.89 -6.93 -37.82
C ILE A 135 13.22 -5.62 -38.26
N THR A 136 11.89 -5.55 -38.15
CA THR A 136 11.19 -4.39 -38.71
C THR A 136 11.09 -3.27 -37.66
N PRO A 137 11.66 -2.08 -37.94
CA PRO A 137 11.50 -1.01 -36.93
C PRO A 137 10.15 -0.34 -37.01
N PHE A 138 9.49 -0.21 -35.85
CA PHE A 138 8.31 0.64 -35.71
C PHE A 138 8.74 1.78 -34.79
N VAL A 139 8.77 3.00 -35.31
CA VAL A 139 9.25 4.15 -34.53
C VAL A 139 8.12 4.99 -33.93
N THR A 140 8.11 5.10 -32.60
CA THR A 140 7.23 6.04 -31.88
C THR A 140 7.91 7.37 -31.79
N ILE A 141 7.32 8.36 -32.46
CA ILE A 141 7.95 9.67 -32.51
C ILE A 141 7.94 10.35 -31.11
N TYR A 142 6.83 10.18 -30.40
CA TYR A 142 6.72 10.80 -29.08
C TYR A 142 6.20 9.82 -28.08
N HIS A 143 7.09 9.42 -27.19
CA HIS A 143 6.69 8.62 -26.03
C HIS A 143 7.07 9.39 -24.75
N TRP A 144 6.63 10.66 -24.69
CA TRP A 144 6.47 11.40 -23.41
C TRP A 144 7.67 12.23 -22.92
N ASP A 145 8.83 12.07 -23.54
CA ASP A 145 10.03 12.85 -23.15
C ASP A 145 10.14 14.15 -23.95
N LEU A 146 9.16 15.03 -23.75
CA LEU A 146 9.13 16.38 -24.37
C LEU A 146 10.42 17.11 -24.00
N PRO A 147 11.04 17.84 -24.95
CA PRO A 147 12.15 18.70 -24.56
C PRO A 147 11.70 19.71 -23.48
N PHE A 148 12.50 19.85 -22.45
CA PHE A 148 12.19 20.79 -21.38
C PHE A 148 12.07 22.22 -21.92
N ALA A 149 12.91 22.58 -22.88
CA ALA A 149 12.85 23.91 -23.49
C ALA A 149 11.44 24.25 -24.01
N LEU A 150 10.73 23.25 -24.53
CA LEU A 150 9.40 23.49 -25.05
C LEU A 150 8.38 23.55 -23.95
N GLN A 151 8.65 22.85 -22.84
CA GLN A 151 7.76 22.91 -21.69
C GLN A 151 7.74 24.30 -21.07
N LEU A 152 8.89 24.97 -21.06
CA LEU A 152 9.01 26.38 -20.63
C LEU A 152 8.15 27.33 -21.43
N LYS A 153 7.84 26.92 -22.67
CA LYS A 153 6.93 27.66 -23.55
CA LYS A 153 6.93 27.67 -23.54
C LYS A 153 5.49 27.13 -23.53
N GLY A 154 5.17 26.35 -22.50
CA GLY A 154 3.83 25.80 -22.28
C GLY A 154 3.64 24.34 -22.73
N GLY A 155 4.61 23.77 -23.46
CA GLY A 155 4.50 22.37 -23.90
C GLY A 155 3.20 22.08 -24.64
N TRP A 156 2.53 20.98 -24.27
CA TRP A 156 1.28 20.57 -24.93
C TRP A 156 0.09 21.54 -24.76
N ALA A 157 0.20 22.47 -23.81
CA ALA A 157 -0.82 23.52 -23.60
C ALA A 157 -0.77 24.63 -24.68
N ASN A 158 0.33 24.74 -25.39
CA ASN A 158 0.55 25.84 -26.37
C ASN A 158 0.20 25.37 -27.79
N ARG A 159 -0.72 26.05 -28.48
CA ARG A 159 -1.10 25.66 -29.85
C ARG A 159 0.06 25.56 -30.79
N GLU A 160 1.11 26.32 -30.51
CA GLU A 160 2.28 26.32 -31.35
C GLU A 160 3.03 24.95 -31.40
N ILE A 161 2.73 24.05 -30.46
CA ILE A 161 3.36 22.74 -30.46
C ILE A 161 3.02 21.93 -31.74
N ALA A 162 1.90 22.25 -32.39
CA ALA A 162 1.54 21.58 -33.67
C ALA A 162 2.66 21.87 -34.67
N ASP A 163 3.15 23.11 -34.66
CA ASP A 163 4.30 23.51 -35.49
C ASP A 163 5.61 22.87 -35.05
N TRP A 164 5.89 22.92 -33.73
CA TRP A 164 7.17 22.37 -33.21
C TRP A 164 7.26 20.87 -33.49
N PHE A 165 6.13 20.18 -33.28
CA PHE A 165 6.06 18.73 -33.46
C PHE A 165 6.19 18.38 -34.93
N ALA A 166 5.58 19.20 -35.78
CA ALA A 166 5.69 19.00 -37.25
C ALA A 166 7.13 19.14 -37.74
N GLU A 167 7.84 20.12 -37.20
CA GLU A 167 9.27 20.33 -37.52
C GLU A 167 10.14 19.15 -37.04
N TYR A 168 9.88 18.68 -35.82
CA TYR A 168 10.59 17.49 -35.27
C TYR A 168 10.33 16.24 -36.13
N SER A 169 9.06 15.96 -36.38
CA SER A 169 8.66 14.83 -37.21
C SER A 169 9.32 14.91 -38.60
N ARG A 170 9.35 16.10 -39.21
CA ARG A 170 9.98 16.31 -40.51
CA ARG A 170 9.99 16.34 -40.52
CA ARG A 170 9.99 16.29 -40.53
C ARG A 170 11.46 15.92 -40.51
N VAL A 171 12.18 16.31 -39.45
CA VAL A 171 13.58 15.93 -39.30
C VAL A 171 13.74 14.40 -39.28
N LEU A 172 12.89 13.71 -38.50
CA LEU A 172 12.93 12.25 -38.43
C LEU A 172 12.68 11.59 -39.81
N PHE A 173 11.64 12.06 -40.48
CA PHE A 173 11.25 11.53 -41.80
C PHE A 173 12.39 11.72 -42.80
N GLU A 174 13.00 12.90 -42.78
CA GLU A 174 14.10 13.23 -43.70
CA GLU A 174 14.09 13.21 -43.71
C GLU A 174 15.33 12.39 -43.41
N ASN A 175 15.60 12.15 -42.13
CA ASN A 175 16.77 11.36 -41.77
C ASN A 175 16.64 9.85 -41.84
N PHE A 176 15.45 9.33 -41.52
CA PHE A 176 15.27 7.89 -41.29
C PHE A 176 14.26 7.27 -42.20
N GLY A 177 13.48 8.11 -42.89
CA GLY A 177 12.32 7.65 -43.68
C GLY A 177 12.71 6.79 -44.88
N ASP A 178 13.98 6.83 -45.27
CA ASP A 178 14.52 5.97 -46.33
C ASP A 178 14.57 4.50 -45.89
N ARG A 179 14.60 4.28 -44.59
CA ARG A 179 14.77 2.94 -44.00
C ARG A 179 13.61 2.53 -43.11
N VAL A 180 13.11 3.47 -42.31
CA VAL A 180 11.98 3.19 -41.43
C VAL A 180 10.67 3.51 -42.18
N LYS A 181 9.77 2.54 -42.23
CA LYS A 181 8.56 2.70 -43.04
C LYS A 181 7.28 2.56 -42.25
N ASN A 182 7.43 2.39 -40.94
CA ASN A 182 6.30 2.20 -40.05
C ASN A 182 6.47 3.18 -38.86
N TRP A 183 5.56 4.13 -38.75
CA TRP A 183 5.73 5.27 -37.83
C TRP A 183 4.51 5.44 -36.95
N ILE A 184 4.74 5.85 -35.71
CA ILE A 184 3.66 6.16 -34.77
C ILE A 184 3.91 7.62 -34.28
N THR A 185 2.93 8.50 -34.43
CA THR A 185 3.06 9.91 -34.02
C THR A 185 3.15 9.97 -32.49
N LEU A 186 2.11 9.48 -31.83
CA LEU A 186 1.97 9.64 -30.38
C LEU A 186 1.72 8.33 -29.67
N ASN A 187 2.38 8.13 -28.53
CA ASN A 187 2.00 7.07 -27.58
C ASN A 187 1.05 7.58 -26.50
N GLU A 188 -0.13 6.97 -26.43
CA GLU A 188 -1.13 7.21 -25.37
C GLU A 188 -1.38 8.70 -25.09
N PRO A 189 -1.90 9.44 -26.10
CA PRO A 189 -2.09 10.88 -25.85
C PRO A 189 -3.10 11.15 -24.68
N TRP A 190 -4.01 10.23 -24.37
CA TRP A 190 -4.83 10.37 -23.16
C TRP A 190 -3.94 10.50 -21.91
N VAL A 191 -2.97 9.60 -21.76
CA VAL A 191 -2.07 9.61 -20.59
C VAL A 191 -1.29 10.94 -20.54
N VAL A 192 -0.70 11.31 -21.67
CA VAL A 192 0.09 12.54 -21.80
C VAL A 192 -0.75 13.73 -21.31
N ALA A 193 -1.99 13.84 -21.80
CA ALA A 193 -2.83 14.99 -21.45
C ALA A 193 -3.36 14.85 -20.03
N ILE A 194 -4.03 13.75 -19.72
CA ILE A 194 -4.74 13.66 -18.44
C ILE A 194 -3.86 13.29 -17.24
N VAL A 195 -3.00 12.28 -17.37
CA VAL A 195 -2.10 11.91 -16.25
C VAL A 195 -1.02 13.00 -16.08
N GLY A 196 -0.61 13.62 -17.18
CA GLY A 196 0.42 14.67 -17.15
C GLY A 196 -0.10 16.02 -16.68
N HIS A 197 -1.33 16.39 -17.04
CA HIS A 197 -1.80 17.78 -16.84
C HIS A 197 -3.05 17.94 -15.97
N LEU A 198 -3.74 16.83 -15.68
CA LEU A 198 -4.88 16.83 -14.74
C LEU A 198 -4.54 16.15 -13.43
N TYR A 199 -4.03 14.91 -13.50
CA TYR A 199 -3.73 14.15 -12.30
C TYR A 199 -2.39 14.60 -11.73
N GLY A 200 -1.50 15.09 -12.60
CA GLY A 200 -0.20 15.56 -12.13
C GLY A 200 0.75 14.45 -11.73
N VAL A 201 0.41 13.23 -12.13
CA VAL A 201 1.18 12.07 -11.71
C VAL A 201 2.37 11.79 -12.65
N HIS A 202 2.28 12.32 -13.86
CA HIS A 202 3.34 12.24 -14.87
C HIS A 202 3.81 13.63 -15.22
N ALA A 203 5.00 13.73 -15.81
CA ALA A 203 5.47 15.01 -16.35
C ALA A 203 4.42 15.59 -17.28
N PRO A 204 4.24 16.92 -17.28
CA PRO A 204 5.01 17.91 -16.52
C PRO A 204 4.47 18.11 -15.10
N GLY A 205 3.56 17.25 -14.67
CA GLY A 205 3.09 17.26 -13.30
C GLY A 205 2.12 18.35 -12.95
N MET A 206 1.17 18.66 -13.82
CA MET A 206 0.19 19.72 -13.57
CA MET A 206 0.19 19.72 -13.53
C MET A 206 -1.19 19.17 -13.17
N ARG A 207 -1.98 20.01 -12.50
CA ARG A 207 -3.37 19.68 -12.14
C ARG A 207 -4.28 20.83 -12.50
N ASP A 208 -4.64 20.90 -13.78
CA ASP A 208 -5.52 21.94 -14.27
C ASP A 208 -6.33 21.33 -15.41
N ILE A 209 -7.63 21.18 -15.21
CA ILE A 209 -8.51 20.52 -16.19
C ILE A 209 -8.62 21.23 -17.54
N TYR A 210 -8.53 22.56 -17.55
CA TYR A 210 -8.58 23.35 -18.76
C TYR A 210 -7.29 23.15 -19.57
N VAL A 211 -6.16 23.16 -18.85
CA VAL A 211 -4.89 22.81 -19.53
C VAL A 211 -4.94 21.39 -20.10
N ALA A 212 -5.43 20.41 -19.32
CA ALA A 212 -5.46 19.02 -19.79
C ALA A 212 -6.26 18.84 -21.08
N PHE A 213 -7.38 19.55 -21.21
CA PHE A 213 -8.19 19.44 -22.43
C PHE A 213 -7.61 20.22 -23.58
N ARG A 214 -6.90 21.30 -23.30
CA ARG A 214 -6.14 21.95 -24.36
CA ARG A 214 -6.10 21.97 -24.34
C ARG A 214 -5.00 21.04 -24.87
N ALA A 215 -4.40 20.25 -23.97
CA ALA A 215 -3.37 19.28 -24.36
C ALA A 215 -3.98 18.18 -25.25
N VAL A 216 -5.13 17.63 -24.85
CA VAL A 216 -5.86 16.71 -25.77
C VAL A 216 -5.98 17.29 -27.17
N HIS A 217 -6.48 18.52 -27.25
CA HIS A 217 -6.76 19.11 -28.56
C HIS A 217 -5.49 19.35 -29.33
N ASN A 218 -4.46 19.87 -28.66
CA ASN A 218 -3.18 20.14 -29.33
C ASN A 218 -2.41 18.86 -29.72
N LEU A 219 -2.57 17.78 -28.96
CA LEU A 219 -1.99 16.47 -29.33
C LEU A 219 -2.57 16.01 -30.68
N LEU A 220 -3.90 16.12 -30.82
CA LEU A 220 -4.56 15.87 -32.11
C LEU A 220 -4.03 16.73 -33.26
N ARG A 221 -3.92 18.03 -33.03
CA ARG A 221 -3.44 18.95 -34.06
C ARG A 221 -2.01 18.64 -34.46
N ALA A 222 -1.17 18.35 -33.47
CA ALA A 222 0.22 18.02 -33.74
C ALA A 222 0.28 16.68 -34.50
N HIS A 223 -0.47 15.69 -34.02
CA HIS A 223 -0.54 14.40 -34.71
C HIS A 223 -0.91 14.61 -36.21
N ALA A 224 -1.96 15.39 -36.46
CA ALA A 224 -2.39 15.59 -37.86
C ALA A 224 -1.35 16.37 -38.70
N ARG A 225 -0.72 17.37 -38.11
CA ARG A 225 0.39 18.07 -38.85
C ARG A 225 1.55 17.14 -39.24
N ALA A 226 1.91 16.21 -38.33
CA ALA A 226 2.99 15.29 -38.58
C ALA A 226 2.59 14.33 -39.72
N VAL A 227 1.36 13.83 -39.70
CA VAL A 227 0.88 12.96 -40.80
C VAL A 227 0.93 13.74 -42.14
N LYS A 228 0.46 14.99 -42.12
CA LYS A 228 0.51 15.86 -43.32
C LYS A 228 1.93 15.97 -43.85
N VAL A 229 2.90 16.22 -42.98
CA VAL A 229 4.30 16.31 -43.41
C VAL A 229 4.83 14.94 -43.89
N PHE A 230 4.40 13.86 -43.23
CA PHE A 230 4.78 12.48 -43.62
C PHE A 230 4.45 12.21 -45.11
N ARG A 231 3.24 12.56 -45.52
CA ARG A 231 2.82 12.43 -46.94
C ARG A 231 3.67 13.19 -47.96
N GLU A 232 4.27 14.31 -47.53
CA GLU A 232 5.17 15.12 -48.34
C GLU A 232 6.60 14.59 -48.35
N THR A 233 6.97 13.77 -47.36
CA THR A 233 8.39 13.43 -47.22
CA THR A 233 8.39 13.42 -47.14
C THR A 233 8.72 11.96 -47.39
N VAL A 234 7.80 11.08 -47.01
CA VAL A 234 8.04 9.63 -47.05
C VAL A 234 6.91 9.01 -47.82
N LYS A 235 6.97 9.17 -49.13
CA LYS A 235 5.97 8.58 -50.02
C LYS A 235 6.14 7.04 -50.24
N ASP A 236 6.55 6.30 -49.21
CA ASP A 236 6.41 4.84 -49.22
CA ASP A 236 6.52 4.83 -49.21
C ASP A 236 6.05 4.24 -47.86
N GLY A 237 6.09 5.04 -46.80
CA GLY A 237 5.78 4.48 -45.48
C GLY A 237 4.33 4.49 -45.05
N LYS A 238 4.09 3.95 -43.86
CA LYS A 238 2.80 4.02 -43.18
C LYS A 238 2.93 4.69 -41.78
N ILE A 239 1.90 5.46 -41.43
CA ILE A 239 1.88 6.18 -40.15
C ILE A 239 0.54 6.01 -39.45
N GLY A 240 0.60 5.89 -38.12
CA GLY A 240 -0.56 5.71 -37.28
C GLY A 240 -0.32 6.36 -35.90
N ILE A 241 -1.08 5.91 -34.92
CA ILE A 241 -1.13 6.54 -33.64
C ILE A 241 -1.58 5.49 -32.65
N VAL A 242 -1.09 5.57 -31.41
CA VAL A 242 -1.29 4.54 -30.40
C VAL A 242 -2.13 5.03 -29.23
N PHE A 243 -3.13 4.25 -28.84
CA PHE A 243 -3.97 4.63 -27.69
C PHE A 243 -3.92 3.59 -26.60
N ASN A 244 -3.97 4.03 -25.34
CA ASN A 244 -4.27 3.13 -24.21
C ASN A 244 -5.74 2.78 -24.19
N ASN A 245 -6.04 1.59 -23.68
CA ASN A 245 -7.44 1.16 -23.61
C ASN A 245 -7.65 0.27 -22.41
N GLY A 246 -8.77 0.46 -21.73
CA GLY A 246 -9.24 -0.44 -20.65
C GLY A 246 -10.49 -1.18 -21.12
N TYR A 247 -10.78 -2.34 -20.54
CA TYR A 247 -12.08 -3.00 -20.79
C TYR A 247 -13.01 -2.67 -19.65
N PHE A 248 -13.96 -1.79 -19.91
CA PHE A 248 -14.86 -1.36 -18.84
C PHE A 248 -16.16 -2.18 -18.86
N GLU A 249 -16.47 -2.79 -17.71
CA GLU A 249 -17.75 -3.48 -17.53
C GLU A 249 -18.55 -2.77 -16.43
N PRO A 250 -19.90 -2.73 -16.58
CA PRO A 250 -20.74 -2.04 -15.60
C PRO A 250 -20.98 -2.95 -14.39
N ALA A 251 -21.03 -2.34 -13.21
CA ALA A 251 -21.15 -3.09 -11.96
C ALA A 251 -22.53 -3.74 -11.81
N SER A 252 -23.47 -3.35 -12.67
CA SER A 252 -24.87 -3.74 -12.58
C SER A 252 -25.58 -3.60 -13.95
N GLU A 253 -26.89 -3.85 -13.98
CA GLU A 253 -27.77 -3.50 -15.11
C GLU A 253 -28.37 -2.12 -14.90
N ILE A 258 -23.41 1.52 -16.65
CA ILE A 258 -24.09 1.41 -17.93
C ILE A 258 -23.62 2.53 -18.87
N ARG A 259 -24.11 3.74 -18.58
CA ARG A 259 -23.72 4.97 -19.24
C ARG A 259 -22.34 5.42 -18.76
N ALA A 260 -21.96 4.98 -17.56
CA ALA A 260 -20.66 5.28 -16.99
C ALA A 260 -19.62 4.45 -17.73
N VAL A 261 -20.00 3.25 -18.17
CA VAL A 261 -19.14 2.45 -19.01
C VAL A 261 -18.97 3.13 -20.37
N ARG A 262 -20.07 3.65 -20.90
CA ARG A 262 -20.07 4.37 -22.17
CA ARG A 262 -20.06 4.36 -22.17
C ARG A 262 -19.12 5.55 -22.09
N PHE A 263 -19.25 6.33 -21.01
CA PHE A 263 -18.38 7.47 -20.81
C PHE A 263 -16.88 7.08 -20.72
N MET A 264 -16.59 6.05 -19.94
CA MET A 264 -15.20 5.61 -19.75
C MET A 264 -14.57 5.16 -21.05
N HIS A 265 -15.29 4.35 -21.83
CA HIS A 265 -14.81 3.98 -23.16
C HIS A 265 -14.55 5.21 -24.03
N GLN A 266 -15.46 6.17 -24.01
CA GLN A 266 -15.35 7.29 -24.95
C GLN A 266 -14.24 8.25 -24.52
N PHE A 267 -14.01 8.34 -23.21
CA PHE A 267 -13.03 9.24 -22.61
C PHE A 267 -11.61 8.63 -22.51
N ASN A 268 -11.53 7.42 -21.94
CA ASN A 268 -10.25 6.78 -21.63
CA ASN A 268 -10.24 6.78 -21.63
C ASN A 268 -9.71 5.95 -22.81
N ASN A 269 -10.61 5.54 -23.72
CA ASN A 269 -10.19 4.69 -24.85
C ASN A 269 -10.02 5.45 -26.18
N TYR A 270 -9.65 4.73 -27.25
CA TYR A 270 -9.45 5.31 -28.59
C TYR A 270 -10.50 6.33 -29.11
N PRO A 271 -11.81 6.26 -28.69
CA PRO A 271 -12.73 7.26 -29.29
C PRO A 271 -12.43 8.73 -29.00
N LEU A 272 -11.81 9.04 -27.86
CA LEU A 272 -11.49 10.45 -27.60
C LEU A 272 -10.73 11.07 -28.75
N PHE A 273 -9.93 10.23 -29.38
CA PHE A 273 -9.07 10.62 -30.45
C PHE A 273 -9.58 10.22 -31.83
N LEU A 274 -10.16 9.02 -31.93
CA LEU A 274 -10.61 8.51 -33.23
C LEU A 274 -11.89 9.15 -33.75
N ASN A 275 -12.74 9.57 -32.84
CA ASN A 275 -13.91 10.33 -33.22
C ASN A 275 -13.56 11.64 -33.92
N PRO A 276 -12.62 12.46 -33.36
CA PRO A 276 -12.08 13.56 -34.22
C PRO A 276 -11.46 13.13 -35.55
N ILE A 277 -10.56 12.13 -35.52
CA ILE A 277 -9.86 11.70 -36.72
C ILE A 277 -10.83 11.18 -37.81
N TYR A 278 -11.77 10.33 -37.42
CA TYR A 278 -12.70 9.70 -38.39
C TYR A 278 -14.01 10.45 -38.61
N ARG A 279 -14.50 11.13 -37.59
CA ARG A 279 -15.84 11.75 -37.63
C ARG A 279 -15.83 13.27 -37.45
N GLY A 280 -14.69 13.84 -37.07
CA GLY A 280 -14.55 15.29 -37.02
C GLY A 280 -15.14 15.98 -35.79
N ASP A 281 -15.32 15.24 -34.70
CA ASP A 281 -15.71 15.85 -33.41
C ASP A 281 -15.34 14.89 -32.33
N TYR A 282 -15.30 15.40 -31.10
CA TYR A 282 -15.15 14.59 -29.91
C TYR A 282 -16.36 13.69 -29.69
N PRO A 283 -16.19 12.55 -28.99
CA PRO A 283 -17.36 11.71 -28.63
C PRO A 283 -18.38 12.46 -27.76
N GLU A 284 -19.65 12.07 -27.89
CA GLU A 284 -20.78 12.74 -27.26
C GLU A 284 -20.63 12.91 -25.75
N LEU A 285 -20.31 11.84 -25.05
CA LEU A 285 -20.20 11.95 -23.58
C LEU A 285 -18.95 12.72 -23.08
N VAL A 286 -17.91 12.77 -23.93
CA VAL A 286 -16.73 13.61 -23.65
C VAL A 286 -17.16 15.07 -23.69
N LEU A 287 -17.95 15.45 -24.70
CA LEU A 287 -18.43 16.84 -24.80
C LEU A 287 -19.37 17.20 -23.65
N GLU A 288 -20.22 16.25 -23.26
CA GLU A 288 -21.07 16.45 -22.11
C GLU A 288 -20.25 16.83 -20.86
N PHE A 289 -19.23 16.02 -20.55
CA PHE A 289 -18.33 16.31 -19.45
C PHE A 289 -17.38 17.51 -19.65
N ALA A 290 -16.83 17.68 -20.85
CA ALA A 290 -15.63 18.52 -21.01
C ALA A 290 -15.71 19.73 -21.95
N ARG A 291 -16.90 20.04 -22.48
CA ARG A 291 -17.03 21.11 -23.47
C ARG A 291 -16.46 22.43 -22.95
N GLU A 292 -16.73 22.75 -21.70
CA GLU A 292 -16.31 24.03 -21.11
C GLU A 292 -14.78 24.16 -21.08
N TYR A 293 -14.09 23.02 -21.10
CA TYR A 293 -12.62 22.96 -20.94
C TYR A 293 -11.88 23.01 -22.25
N LEU A 294 -12.59 22.74 -23.35
CA LEU A 294 -11.99 22.80 -24.68
C LEU A 294 -11.91 24.23 -25.16
N PRO A 295 -11.01 24.52 -26.11
CA PRO A 295 -11.05 25.86 -26.70
C PRO A 295 -12.46 26.20 -27.23
N GLU A 296 -12.83 27.47 -27.20
CA GLU A 296 -14.16 27.88 -27.62
C GLU A 296 -14.47 27.54 -29.10
N ASN A 297 -13.46 27.65 -29.94
CA ASN A 297 -13.63 27.42 -31.39
C ASN A 297 -12.86 26.18 -31.88
N TYR A 298 -12.81 25.17 -31.03
CA TYR A 298 -12.06 23.94 -31.30
C TYR A 298 -12.51 23.23 -32.60
N LYS A 299 -13.78 23.38 -33.01
CA LYS A 299 -14.26 22.78 -34.25
C LYS A 299 -13.53 23.34 -35.47
N ASP A 300 -13.02 24.58 -35.38
CA ASP A 300 -12.24 25.16 -36.48
C ASP A 300 -11.07 24.25 -36.86
N ASP A 301 -10.58 23.47 -35.90
CA ASP A 301 -9.39 22.62 -36.13
C ASP A 301 -9.74 21.21 -36.64
N MET A 302 -11.02 20.84 -36.60
CA MET A 302 -11.39 19.44 -36.86
C MET A 302 -11.14 18.92 -38.27
N SER A 303 -11.35 19.76 -39.29
CA SER A 303 -11.14 19.24 -40.63
C SER A 303 -9.67 18.89 -40.85
N GLU A 304 -8.76 19.68 -40.27
CA GLU A 304 -7.34 19.33 -40.34
C GLU A 304 -7.00 18.07 -39.55
N ILE A 305 -7.70 17.87 -38.45
CA ILE A 305 -7.47 16.72 -37.56
C ILE A 305 -7.84 15.41 -38.30
N GLN A 306 -8.72 15.53 -39.30
CA GLN A 306 -9.18 14.37 -40.09
C GLN A 306 -8.19 13.79 -41.09
N GLU A 307 -6.96 14.30 -41.08
CA GLU A 307 -5.82 13.79 -41.86
C GLU A 307 -5.80 12.23 -41.86
N LYS A 308 -5.79 11.62 -43.05
CA LYS A 308 -5.89 10.15 -43.16
C LYS A 308 -4.70 9.45 -42.49
N ILE A 309 -5.00 8.49 -41.63
CA ILE A 309 -3.97 7.61 -41.03
C ILE A 309 -4.01 6.22 -41.66
N ASP A 310 -2.92 5.48 -41.50
CA ASP A 310 -2.73 4.14 -42.12
C ASP A 310 -3.09 2.99 -41.18
N PHE A 311 -2.93 3.19 -39.88
CA PHE A 311 -3.26 2.15 -38.92
C PHE A 311 -3.53 2.74 -37.54
N VAL A 312 -4.20 1.97 -36.71
CA VAL A 312 -4.43 2.33 -35.34
C VAL A 312 -3.65 1.36 -34.48
N GLY A 313 -2.88 1.85 -33.52
CA GLY A 313 -2.25 0.97 -32.56
C GLY A 313 -3.02 1.03 -31.26
N LEU A 314 -3.37 -0.13 -30.73
CA LEU A 314 -4.10 -0.20 -29.47
C LEU A 314 -3.21 -0.86 -28.43
N ASN A 315 -3.04 -0.19 -27.29
CA ASN A 315 -2.42 -0.81 -26.15
C ASN A 315 -3.53 -1.31 -25.26
N TYR A 316 -3.29 -2.44 -24.58
CA TYR A 316 -4.28 -3.03 -23.67
C TYR A 316 -3.61 -3.85 -22.55
N TYR A 317 -4.05 -3.65 -21.30
CA TYR A 317 -3.50 -4.34 -20.11
C TYR A 317 -4.55 -4.91 -19.18
N SER A 318 -5.66 -4.18 -19.04
CA SER A 318 -6.52 -4.39 -17.89
C SER A 318 -8.00 -4.16 -18.13
N GLY A 319 -8.81 -4.84 -17.33
CA GLY A 319 -10.24 -4.52 -17.24
C GLY A 319 -10.66 -3.84 -15.95
N HIS A 320 -11.76 -3.10 -15.99
CA HIS A 320 -12.22 -2.32 -14.87
C HIS A 320 -13.72 -2.45 -14.71
N LEU A 321 -14.14 -2.72 -13.46
CA LEU A 321 -15.55 -2.63 -13.09
C LEU A 321 -15.81 -1.20 -12.71
N VAL A 322 -16.89 -0.65 -13.26
CA VAL A 322 -17.18 0.75 -13.23
C VAL A 322 -18.66 0.86 -12.84
N LYS A 323 -18.98 1.89 -12.05
CA LYS A 323 -20.35 2.24 -11.80
C LYS A 323 -20.45 3.73 -11.66
N PHE A 324 -21.63 4.28 -11.91
CA PHE A 324 -21.92 5.70 -11.68
C PHE A 324 -21.67 6.01 -10.22
N ASP A 325 -21.20 7.23 -9.96
CA ASP A 325 -20.89 7.69 -8.62
C ASP A 325 -20.97 9.21 -8.57
N PRO A 326 -21.97 9.76 -7.83
CA PRO A 326 -22.16 11.22 -7.74
C PRO A 326 -20.96 11.96 -7.13
N ASP A 327 -20.55 13.02 -7.80
CA ASP A 327 -19.32 13.75 -7.48
C ASP A 327 -18.08 12.84 -7.42
N ALA A 328 -17.47 12.60 -8.59
CA ALA A 328 -16.25 11.80 -8.65
C ALA A 328 -15.12 12.55 -9.37
N ALA A 330 -15.83 13.22 -12.20
CA ALA A 330 -16.29 12.69 -13.49
C ALA A 330 -17.56 11.81 -13.41
N LYS A 331 -18.07 11.63 -12.18
CA LYS A 331 -19.26 10.81 -11.89
C LYS A 331 -19.05 9.30 -12.10
N VAL A 332 -17.79 8.87 -12.00
CA VAL A 332 -17.44 7.45 -12.19
C VAL A 332 -16.43 7.02 -11.13
N SER A 333 -16.66 5.87 -10.50
CA SER A 333 -15.64 5.29 -9.63
C SER A 333 -15.39 3.85 -10.05
N PHE A 334 -14.24 3.32 -9.67
CA PHE A 334 -13.91 1.93 -9.97
C PHE A 334 -14.37 1.02 -8.84
N VAL A 335 -14.79 -0.18 -9.19
CA VAL A 335 -15.19 -1.17 -8.20
C VAL A 335 -14.18 -2.31 -8.21
N GLU A 336 -13.54 -2.55 -7.07
CA GLU A 336 -12.56 -3.62 -6.99
C GLU A 336 -13.23 -4.97 -7.14
N ARG A 337 -12.60 -5.85 -7.91
CA ARG A 337 -13.12 -7.20 -8.13
C ARG A 337 -12.13 -8.21 -7.62
N ASP A 338 -12.63 -9.37 -7.22
CA ASP A 338 -11.78 -10.43 -6.74
C ASP A 338 -11.36 -11.26 -7.95
N LEU A 339 -10.37 -10.75 -8.68
CA LEU A 339 -9.85 -11.40 -9.89
C LEU A 339 -8.33 -11.41 -9.80
N PRO A 340 -7.67 -12.38 -10.45
CA PRO A 340 -6.21 -12.27 -10.51
C PRO A 340 -5.76 -10.87 -10.96
N LYS A 341 -4.73 -10.34 -10.30
CA LYS A 341 -4.18 -9.00 -10.58
C LYS A 341 -2.69 -9.11 -10.82
N THR A 342 -2.10 -8.13 -11.51
CA THR A 342 -0.65 -8.09 -11.66
C THR A 342 -0.08 -7.30 -10.48
N ALA A 343 1.25 -7.14 -10.45
CA ALA A 343 1.90 -6.28 -9.46
C ALA A 343 1.48 -4.80 -9.52
N MET A 344 0.87 -4.37 -10.63
CA MET A 344 0.31 -3.01 -10.72
C MET A 344 -1.04 -2.90 -9.97
N GLY A 345 -1.63 -4.03 -9.62
CA GLY A 345 -2.99 -4.05 -9.12
C GLY A 345 -4.00 -4.10 -10.26
N TRP A 346 -3.53 -4.37 -11.48
CA TRP A 346 -4.40 -4.40 -12.64
C TRP A 346 -5.07 -5.77 -12.74
N GLU A 347 -6.39 -5.78 -12.91
CA GLU A 347 -7.13 -7.03 -13.09
C GLU A 347 -6.85 -7.64 -14.44
N ILE A 348 -6.57 -8.94 -14.43
CA ILE A 348 -6.23 -9.68 -15.64
C ILE A 348 -7.54 -10.11 -16.28
N VAL A 349 -7.83 -9.54 -17.46
CA VAL A 349 -9.12 -9.78 -18.14
C VAL A 349 -8.87 -9.95 -19.62
N PRO A 350 -8.43 -11.15 -20.03
CA PRO A 350 -7.98 -11.37 -21.41
C PRO A 350 -9.03 -11.07 -22.46
N GLU A 351 -10.31 -11.27 -22.13
CA GLU A 351 -11.38 -11.03 -23.11
C GLU A 351 -11.44 -9.57 -23.55
N GLY A 352 -10.85 -8.69 -22.73
CA GLY A 352 -10.83 -7.25 -23.00
C GLY A 352 -10.13 -6.91 -24.28
N ILE A 353 -9.08 -7.64 -24.59
CA ILE A 353 -8.29 -7.39 -25.80
C ILE A 353 -9.06 -7.77 -27.07
N TYR A 354 -9.82 -8.87 -26.98
CA TYR A 354 -10.78 -9.23 -28.01
C TYR A 354 -11.87 -8.16 -28.19
N TRP A 355 -12.49 -7.75 -27.09
CA TRP A 355 -13.52 -6.72 -27.11
C TRP A 355 -13.06 -5.42 -27.80
N ILE A 356 -11.89 -4.91 -27.42
CA ILE A 356 -11.43 -3.62 -27.91
C ILE A 356 -11.06 -3.70 -29.39
N LEU A 357 -10.59 -4.87 -29.81
CA LEU A 357 -10.30 -5.10 -31.22
C LEU A 357 -11.57 -5.16 -32.05
N LYS A 358 -12.59 -5.86 -31.54
CA LYS A 358 -13.90 -5.92 -32.22
C LYS A 358 -14.52 -4.53 -32.25
N LYS A 359 -14.43 -3.85 -31.12
CA LYS A 359 -15.06 -2.55 -30.94
C LYS A 359 -14.44 -1.49 -31.87
N VAL A 360 -13.12 -1.48 -32.02
CA VAL A 360 -12.49 -0.53 -32.95
C VAL A 360 -12.93 -0.74 -34.42
N LYS A 361 -13.02 -2.00 -34.85
CA LYS A 361 -13.52 -2.29 -36.20
C LYS A 361 -14.97 -1.84 -36.29
N GLU A 362 -15.75 -2.14 -35.27
CA GLU A 362 -17.17 -1.81 -35.31
C GLU A 362 -17.39 -0.30 -35.36
N GLU A 363 -16.55 0.48 -34.67
CA GLU A 363 -16.83 1.91 -34.54
C GLU A 363 -16.20 2.75 -35.63
N TYR A 364 -14.95 2.45 -36.00
CA TYR A 364 -14.21 3.32 -36.93
C TYR A 364 -13.69 2.57 -38.16
N ASN A 365 -13.72 1.24 -38.10
CA ASN A 365 -13.23 0.40 -39.19
C ASN A 365 -11.87 0.80 -39.80
N PRO A 366 -10.84 0.97 -38.93
CA PRO A 366 -9.55 1.40 -39.46
C PRO A 366 -9.03 0.30 -40.40
N PRO A 367 -8.26 0.68 -41.43
CA PRO A 367 -7.80 -0.33 -42.41
C PRO A 367 -6.82 -1.38 -41.83
N GLU A 368 -5.95 -0.96 -40.90
CA GLU A 368 -5.09 -1.90 -40.15
C GLU A 368 -5.12 -1.56 -38.66
N VAL A 369 -4.96 -2.59 -37.82
CA VAL A 369 -4.83 -2.40 -36.39
C VAL A 369 -3.56 -3.15 -35.98
N TYR A 370 -2.82 -2.62 -35.00
CA TYR A 370 -1.78 -3.40 -34.33
C TYR A 370 -2.08 -3.38 -32.85
N ILE A 371 -1.81 -4.49 -32.16
CA ILE A 371 -1.66 -4.40 -30.71
C ILE A 371 -0.23 -3.95 -30.45
N THR A 372 -0.07 -2.67 -30.07
CA THR A 372 1.28 -2.07 -29.94
C THR A 372 1.91 -2.24 -28.54
N GLU A 373 1.09 -2.65 -27.57
CA GLU A 373 1.55 -3.08 -26.24
C GLU A 373 0.55 -3.99 -25.58
N ASN A 374 1.06 -5.07 -25.00
CA ASN A 374 0.30 -5.96 -24.09
C ASN A 374 1.38 -6.61 -23.27
N GLY A 375 1.17 -6.71 -21.97
CA GLY A 375 2.17 -7.29 -21.10
C GLY A 375 1.72 -7.15 -19.66
N ALA A 376 2.58 -7.55 -18.73
CA ALA A 376 2.21 -7.56 -17.30
C ALA A 376 3.42 -7.40 -16.40
N ALA A 377 3.19 -6.81 -15.22
CA ALA A 377 4.22 -6.64 -14.23
C ALA A 377 4.00 -7.69 -13.15
N PHE A 378 5.04 -8.48 -12.87
CA PHE A 378 4.99 -9.47 -11.79
C PHE A 378 6.27 -9.33 -11.00
N ASP A 379 6.25 -9.87 -9.78
CA ASP A 379 7.37 -9.71 -8.87
C ASP A 379 8.36 -10.79 -9.20
N ASP A 380 9.09 -10.56 -10.29
CA ASP A 380 10.06 -11.51 -10.80
C ASP A 380 11.26 -11.68 -9.89
N VAL A 381 11.67 -12.94 -9.76
CA VAL A 381 12.86 -13.31 -9.00
CA VAL A 381 12.84 -13.33 -8.98
C VAL A 381 13.67 -14.31 -9.79
N VAL A 382 14.99 -14.17 -9.72
CA VAL A 382 15.93 -15.10 -10.29
C VAL A 382 16.08 -16.28 -9.31
N SER A 383 15.67 -17.47 -9.77
CA SER A 383 15.77 -18.71 -8.99
C SER A 383 17.21 -19.13 -8.81
N GLU A 384 17.47 -20.12 -7.93
CA GLU A 384 18.83 -20.65 -7.75
C GLU A 384 19.37 -21.23 -9.06
N ASP A 385 18.46 -21.68 -9.92
CA ASP A 385 18.87 -22.28 -11.20
C ASP A 385 19.32 -21.28 -12.29
N GLY A 386 19.31 -19.99 -11.95
CA GLY A 386 19.71 -18.90 -12.87
C GLY A 386 18.57 -18.44 -13.76
N ARG A 387 17.38 -19.01 -13.55
CA ARG A 387 16.23 -18.72 -14.39
C ARG A 387 15.13 -17.84 -13.76
N VAL A 388 14.28 -17.24 -14.59
CA VAL A 388 13.12 -16.49 -14.11
C VAL A 388 11.84 -17.20 -14.55
N HIS A 389 11.24 -17.90 -13.60
CA HIS A 389 10.13 -18.78 -13.87
C HIS A 389 8.80 -18.02 -13.77
N ASP A 390 8.60 -17.11 -14.71
CA ASP A 390 7.43 -16.26 -14.71
C ASP A 390 6.26 -16.92 -15.43
N GLN A 391 5.74 -17.99 -14.83
CA GLN A 391 4.60 -18.70 -15.40
C GLN A 391 3.39 -17.79 -15.39
N ASN A 392 3.30 -16.92 -14.40
CA ASN A 392 2.19 -15.97 -14.36
C ASN A 392 2.14 -15.07 -15.60
N ARG A 393 3.31 -14.71 -16.12
CA ARG A 393 3.41 -13.85 -17.30
C ARG A 393 3.18 -14.65 -18.58
N ILE A 394 3.65 -15.90 -18.62
CA ILE A 394 3.33 -16.79 -19.75
C ILE A 394 1.80 -16.92 -19.84
N ASP A 395 1.15 -17.17 -18.70
CA ASP A 395 -0.30 -17.38 -18.68
C ASP A 395 -1.05 -16.15 -19.19
N TYR A 396 -0.61 -14.99 -18.72
CA TYR A 396 -1.16 -13.68 -19.16
C TYR A 396 -0.97 -13.52 -20.67
N LEU A 397 0.26 -13.65 -21.17
CA LEU A 397 0.45 -13.45 -22.59
C LEU A 397 -0.34 -14.47 -23.44
N LYS A 398 -0.27 -15.76 -23.06
CA LYS A 398 -0.96 -16.80 -23.85
C LYS A 398 -2.42 -16.47 -24.02
N ALA A 399 -3.08 -16.13 -22.93
CA ALA A 399 -4.49 -15.84 -22.96
C ALA A 399 -4.85 -14.66 -23.83
N HIS A 400 -4.00 -13.63 -23.83
CA HIS A 400 -4.31 -12.42 -24.61
C HIS A 400 -4.02 -12.65 -26.08
N ILE A 401 -2.93 -13.36 -26.39
CA ILE A 401 -2.61 -13.75 -27.76
C ILE A 401 -3.79 -14.60 -28.33
N GLY A 402 -4.30 -15.52 -27.51
CA GLY A 402 -5.46 -16.33 -27.84
C GLY A 402 -6.71 -15.54 -28.21
N GLN A 403 -7.00 -14.50 -27.42
CA GLN A 403 -8.10 -13.57 -27.70
C GLN A 403 -7.84 -12.70 -28.95
N ALA A 404 -6.61 -12.22 -29.11
CA ALA A 404 -6.23 -11.53 -30.35
C ALA A 404 -6.48 -12.42 -31.58
N TRP A 405 -6.09 -13.70 -31.46
CA TRP A 405 -6.32 -14.67 -32.52
C TRP A 405 -7.79 -14.71 -32.92
N LYS A 406 -8.66 -14.70 -31.91
CA LYS A 406 -10.09 -14.79 -32.12
C LYS A 406 -10.61 -13.64 -32.97
N ALA A 407 -10.26 -12.43 -32.54
CA ALA A 407 -10.53 -11.20 -33.27
C ALA A 407 -10.15 -11.32 -34.73
N ILE A 408 -8.98 -11.87 -35.01
CA ILE A 408 -8.57 -12.10 -36.38
C ILE A 408 -9.51 -13.07 -37.11
N GLN A 409 -9.95 -14.12 -36.43
CA GLN A 409 -10.83 -15.10 -37.08
C GLN A 409 -12.17 -14.44 -37.45
N GLU A 410 -12.58 -13.44 -36.66
CA GLU A 410 -13.84 -12.72 -36.88
C GLU A 410 -13.65 -11.44 -37.69
N GLY A 411 -12.54 -11.31 -38.39
CA GLY A 411 -12.40 -10.27 -39.41
C GLY A 411 -11.66 -8.99 -39.03
N VAL A 412 -11.12 -8.91 -37.82
CA VAL A 412 -10.39 -7.69 -37.45
C VAL A 412 -9.05 -7.70 -38.18
N PRO A 413 -8.74 -6.61 -38.92
CA PRO A 413 -7.49 -6.58 -39.65
C PRO A 413 -6.24 -6.31 -38.75
N LEU A 414 -6.05 -7.15 -37.71
CA LEU A 414 -4.84 -7.12 -36.88
C LEU A 414 -3.60 -7.59 -37.64
N LYS A 415 -2.63 -6.71 -37.81
CA LYS A 415 -1.44 -7.04 -38.60
C LYS A 415 -0.22 -7.42 -37.75
N GLY A 416 -0.31 -7.18 -36.45
CA GLY A 416 0.84 -7.38 -35.58
C GLY A 416 0.47 -7.29 -34.13
N TYR A 417 1.40 -7.75 -33.27
CA TYR A 417 1.23 -7.81 -31.81
C TYR A 417 2.59 -7.60 -31.15
N PHE A 418 2.65 -6.62 -30.23
CA PHE A 418 3.90 -6.21 -29.56
C PHE A 418 3.86 -6.40 -28.05
N VAL A 419 4.82 -7.15 -27.54
CA VAL A 419 4.86 -7.40 -26.11
C VAL A 419 5.49 -6.16 -25.43
N TRP A 420 4.79 -5.62 -24.44
CA TRP A 420 5.45 -4.65 -23.55
C TRP A 420 5.91 -5.43 -22.33
N SER A 421 7.21 -5.59 -22.10
CA SER A 421 8.33 -4.94 -22.83
C SER A 421 9.43 -5.96 -23.14
N LEU A 422 10.33 -5.63 -24.06
CA LEU A 422 11.55 -6.45 -24.17
C LEU A 422 12.23 -6.59 -22.80
N LEU A 423 12.39 -5.46 -22.11
CA LEU A 423 13.25 -5.35 -20.93
C LEU A 423 12.49 -4.81 -19.73
N ASP A 424 12.84 -5.29 -18.54
CA ASP A 424 12.39 -4.59 -17.31
C ASP A 424 12.95 -3.16 -17.42
N ASN A 425 12.17 -2.17 -16.99
CA ASN A 425 12.66 -0.80 -17.24
C ASN A 425 12.07 0.19 -16.25
N PHE A 426 12.37 1.48 -16.45
CA PHE A 426 11.82 2.55 -15.60
C PHE A 426 10.32 2.73 -15.84
N GLU A 427 9.48 2.31 -14.89
CA GLU A 427 8.05 2.37 -15.09
C GLU A 427 7.51 3.70 -14.54
N TRP A 428 7.99 4.81 -15.11
CA TRP A 428 7.40 6.13 -14.84
C TRP A 428 7.34 6.38 -13.34
N ALA A 429 6.20 6.81 -12.82
CA ALA A 429 6.14 7.23 -11.40
C ALA A 429 6.33 6.07 -10.39
N GLU A 430 6.29 4.82 -10.90
CA GLU A 430 6.60 3.64 -10.10
C GLU A 430 8.09 3.33 -10.05
N GLY A 431 8.88 4.03 -10.86
CA GLY A 431 10.31 3.78 -10.97
C GLY A 431 10.60 2.33 -11.39
N TYR A 432 11.69 1.78 -10.86
CA TYR A 432 12.15 0.41 -11.17
C TYR A 432 11.42 -0.71 -10.42
N SER A 433 10.44 -0.32 -9.59
CA SER A 433 9.70 -1.26 -8.74
C SER A 433 8.73 -2.18 -9.53
N LYS A 434 8.49 -1.87 -10.81
CA LYS A 434 7.59 -2.70 -11.63
C LYS A 434 8.27 -3.20 -12.88
N ARG A 435 8.34 -4.52 -12.98
CA ARG A 435 9.07 -5.24 -14.02
C ARG A 435 8.11 -5.85 -15.04
N PHE A 436 8.19 -5.35 -16.27
CA PHE A 436 7.30 -5.75 -17.38
C PHE A 436 8.04 -6.56 -18.46
N GLY A 437 9.35 -6.78 -18.30
CA GLY A 437 10.14 -7.37 -19.36
C GLY A 437 9.84 -8.85 -19.58
N ILE A 438 10.23 -9.34 -20.74
CA ILE A 438 10.33 -10.78 -20.99
C ILE A 438 11.82 -11.11 -20.83
N VAL A 439 12.58 -10.08 -20.54
CA VAL A 439 13.98 -10.18 -20.23
C VAL A 439 14.15 -9.40 -18.93
N TYR A 440 14.77 -10.08 -17.96
CA TYR A 440 15.04 -9.56 -16.65
C TYR A 440 16.28 -8.71 -16.72
N VAL A 441 16.27 -7.56 -16.06
CA VAL A 441 17.47 -6.76 -16.00
C VAL A 441 17.90 -6.67 -14.53
N ASP A 442 19.12 -7.14 -14.26
CA ASP A 442 19.73 -6.96 -12.96
C ASP A 442 20.40 -5.60 -12.98
N TYR A 443 19.81 -4.65 -12.27
CA TYR A 443 20.24 -3.24 -12.35
C TYR A 443 21.59 -2.96 -11.71
N SER A 444 22.03 -3.82 -10.79
CA SER A 444 23.38 -3.65 -10.21
C SER A 444 24.53 -3.96 -11.18
N THR A 445 24.29 -4.86 -12.13
CA THR A 445 25.33 -5.31 -13.06
C THR A 445 24.96 -5.02 -14.51
N GLN A 446 23.68 -4.69 -14.74
CA GLN A 446 23.08 -4.58 -16.07
C GLN A 446 22.98 -5.91 -16.83
N LYS A 447 23.11 -7.03 -16.11
CA LYS A 447 22.93 -8.34 -16.74
C LYS A 447 21.49 -8.52 -17.21
N ARG A 448 21.33 -9.06 -18.40
CA ARG A 448 20.01 -9.45 -18.93
C ARG A 448 19.88 -10.97 -18.77
N ILE A 449 18.76 -11.41 -18.24
CA ILE A 449 18.44 -12.81 -18.12
C ILE A 449 17.10 -13.01 -18.80
N VAL A 450 17.10 -13.75 -19.91
CA VAL A 450 15.84 -14.01 -20.61
C VAL A 450 14.91 -14.80 -19.68
N LYS A 451 13.69 -14.31 -19.47
CA LYS A 451 12.74 -15.00 -18.61
C LYS A 451 12.07 -16.15 -19.37
N ASP A 452 11.42 -17.04 -18.63
CA ASP A 452 10.66 -18.14 -19.23
C ASP A 452 9.68 -17.60 -20.27
N SER A 453 9.05 -16.47 -19.96
CA SER A 453 8.05 -15.85 -20.86
C SER A 453 8.67 -15.44 -22.21
N GLY A 454 9.92 -14.97 -22.20
CA GLY A 454 10.64 -14.64 -23.45
C GLY A 454 10.97 -15.88 -24.28
N TYR A 455 11.36 -16.95 -23.59
CA TYR A 455 11.64 -18.18 -24.31
C TYR A 455 10.37 -18.69 -24.95
N TRP A 456 9.30 -18.68 -24.15
CA TRP A 456 7.96 -19.06 -24.55
C TRP A 456 7.46 -18.24 -25.73
N TYR A 457 7.68 -16.93 -25.67
CA TYR A 457 7.25 -16.05 -26.75
C TYR A 457 7.99 -16.32 -28.04
N SER A 458 9.28 -16.61 -27.93
CA SER A 458 10.10 -16.87 -29.11
CA SER A 458 10.11 -16.89 -29.12
C SER A 458 9.57 -18.10 -29.87
N ASN A 459 9.02 -19.05 -29.12
CA ASN A 459 8.47 -20.26 -29.70
C ASN A 459 7.19 -19.94 -30.42
N VAL A 460 6.35 -19.11 -29.79
CA VAL A 460 5.17 -18.56 -30.43
C VAL A 460 5.54 -17.88 -31.77
N VAL A 461 6.51 -17.00 -31.75
CA VAL A 461 6.91 -16.30 -32.98
C VAL A 461 7.40 -17.26 -34.07
N LYS A 462 8.36 -18.12 -33.71
CA LYS A 462 8.85 -19.19 -34.58
C LYS A 462 7.70 -20.01 -35.20
N ASN A 463 6.73 -20.42 -34.38
CA ASN A 463 5.55 -21.14 -34.85
C ASN A 463 4.47 -20.28 -35.52
N ASN A 464 4.63 -18.95 -35.48
CA ASN A 464 3.57 -18.02 -35.92
C ASN A 464 2.24 -18.27 -35.22
N GLY A 465 2.30 -18.66 -33.94
CA GLY A 465 1.08 -18.78 -33.14
C GLY A 465 1.16 -19.72 -31.95
N LEU A 466 0.01 -20.06 -31.39
CA LEU A 466 -0.11 -20.87 -30.19
C LEU A 466 -0.36 -22.36 -30.54
N GLU A 467 0.13 -23.25 -29.68
CA GLU A 467 -0.04 -24.71 -29.88
C GLU A 467 -0.43 -25.37 -28.56
N VAL B 25 -1.75 0.75 -4.34
CA VAL B 25 -1.30 1.58 -3.17
C VAL B 25 -2.47 2.04 -2.29
N LYS B 26 -2.23 2.06 -0.98
CA LYS B 26 -3.24 2.42 0.01
C LYS B 26 -2.69 3.52 0.91
N LYS B 27 -3.22 4.73 0.73
CA LYS B 27 -2.69 5.90 1.42
C LYS B 27 -3.59 6.27 2.60
N PHE B 28 -2.96 6.63 3.72
CA PHE B 28 -3.71 7.00 4.93
C PHE B 28 -3.87 8.52 4.99
N PRO B 29 -4.89 9.00 5.74
CA PRO B 29 -5.10 10.43 5.95
C PRO B 29 -3.85 11.19 6.33
N GLU B 30 -3.87 12.49 6.08
CA GLU B 30 -2.77 13.36 6.48
C GLU B 30 -2.79 13.43 8.00
N GLY B 31 -1.61 13.30 8.60
CA GLY B 31 -1.47 13.34 10.05
C GLY B 31 -1.55 11.98 10.75
N PHE B 32 -1.89 10.92 10.01
CA PHE B 32 -1.97 9.58 10.58
C PHE B 32 -0.71 9.23 11.38
N LEU B 33 -0.90 8.67 12.57
CA LEU B 33 0.20 8.43 13.51
C LEU B 33 0.70 6.99 13.45
N TRP B 34 1.99 6.81 13.14
CA TRP B 34 2.56 5.46 13.01
C TRP B 34 3.45 5.20 14.19
N GLY B 35 3.17 4.11 14.91
CA GLY B 35 3.87 3.86 16.16
C GLY B 35 4.38 2.46 16.38
N VAL B 36 5.19 2.31 17.44
CA VAL B 36 5.48 0.99 18.01
C VAL B 36 5.07 0.96 19.51
N ALA B 37 4.88 -0.24 20.06
CA ALA B 37 4.42 -0.37 21.46
C ALA B 37 5.29 -1.33 22.30
N THR B 38 5.48 -0.97 23.57
CA THR B 38 6.11 -1.88 24.55
C THR B 38 5.34 -1.80 25.89
N ALA B 39 5.80 -2.56 26.89
CA ALA B 39 5.30 -2.43 28.29
C ALA B 39 6.47 -2.56 29.28
N SER B 40 6.44 -1.79 30.36
CA SER B 40 7.53 -1.75 31.36
C SER B 40 8.06 -3.11 31.77
N TYR B 41 7.20 -3.96 32.34
CA TYR B 41 7.69 -5.26 32.82
C TYR B 41 8.24 -6.14 31.69
N GLN B 42 7.75 -5.96 30.47
CA GLN B 42 8.09 -6.91 29.41
C GLN B 42 9.50 -6.65 28.83
N ILE B 43 9.98 -5.43 29.00
CA ILE B 43 11.26 -5.00 28.40
C ILE B 43 12.33 -4.52 29.35
N GLU B 44 11.93 -4.02 30.51
CA GLU B 44 12.85 -3.23 31.32
C GLU B 44 13.96 -4.01 32.04
N GLY B 45 13.59 -5.03 32.81
CA GLY B 45 14.52 -5.65 33.76
C GLY B 45 14.79 -4.71 34.90
N SER B 46 15.73 -5.10 35.78
CA SER B 46 16.02 -4.31 36.97
C SER B 46 14.73 -3.89 37.73
N PRO B 47 13.81 -4.85 37.98
CA PRO B 47 12.53 -4.47 38.63
C PRO B 47 12.68 -3.84 40.04
N LEU B 48 13.76 -4.20 40.74
CA LEU B 48 14.02 -3.70 42.07
C LEU B 48 15.14 -2.64 42.13
N ALA B 49 15.69 -2.25 40.98
CA ALA B 49 16.71 -1.19 40.97
C ALA B 49 16.20 0.13 41.52
N ASP B 50 17.07 0.88 42.18
CA ASP B 50 16.86 2.31 42.47
C ASP B 50 15.58 2.58 43.24
N GLY B 51 15.35 1.74 44.24
CA GLY B 51 14.32 1.99 45.23
C GLY B 51 12.93 1.53 44.83
N ALA B 52 12.82 0.80 43.72
CA ALA B 52 11.50 0.32 43.26
C ALA B 52 10.91 -0.81 44.15
N GLY B 53 9.60 -0.73 44.40
CA GLY B 53 8.86 -1.79 45.06
C GLY B 53 8.60 -2.93 44.10
N MET B 54 8.39 -4.12 44.65
CA MET B 54 8.05 -5.30 43.87
C MET B 54 6.68 -5.09 43.22
N SER B 55 6.52 -5.69 42.05
CA SER B 55 5.22 -5.74 41.40
C SER B 55 4.64 -7.14 41.55
N ILE B 56 3.36 -7.28 41.22
CA ILE B 56 2.70 -8.58 41.20
C ILE B 56 3.30 -9.51 40.16
N TRP B 57 3.90 -8.97 39.09
CA TRP B 57 4.53 -9.83 38.10
C TRP B 57 5.90 -10.38 38.54
N HIS B 58 6.58 -9.64 39.39
CA HIS B 58 7.83 -10.12 40.01
C HIS B 58 7.49 -11.32 40.90
N THR B 59 6.53 -11.15 41.80
CA THR B 59 6.18 -12.24 42.72
C THR B 59 5.54 -13.42 41.98
N PHE B 60 4.66 -13.13 41.00
CA PHE B 60 4.00 -14.18 40.20
C PHE B 60 5.03 -15.02 39.39
N SER B 61 5.98 -14.35 38.72
CA SER B 61 6.94 -15.10 37.91
C SER B 61 8.03 -15.76 38.78
N HIS B 62 8.27 -15.25 39.98
CA HIS B 62 9.16 -15.94 40.93
C HIS B 62 8.49 -17.07 41.71
N THR B 63 7.25 -17.37 41.35
CA THR B 63 6.53 -18.53 41.90
C THR B 63 6.68 -19.67 40.90
N PRO B 64 7.25 -20.80 41.32
CA PRO B 64 7.42 -21.93 40.42
C PRO B 64 6.11 -22.41 39.79
N GLY B 65 6.13 -22.62 38.48
CA GLY B 65 5.01 -23.21 37.80
C GLY B 65 4.09 -22.21 37.09
N ASN B 66 4.32 -20.92 37.30
CA ASN B 66 3.48 -19.90 36.72
C ASN B 66 3.91 -19.44 35.33
N VAL B 67 5.21 -19.47 35.08
CA VAL B 67 5.75 -19.01 33.78
C VAL B 67 6.62 -20.10 33.11
N LYS B 68 6.42 -20.27 31.80
CA LYS B 68 7.14 -21.26 30.99
C LYS B 68 8.64 -21.16 31.27
N ASN B 69 9.29 -22.31 31.43
CA ASN B 69 10.76 -22.37 31.58
C ASN B 69 11.23 -21.57 32.80
N GLY B 70 10.30 -21.23 33.70
CA GLY B 70 10.61 -20.37 34.84
C GLY B 70 11.19 -18.99 34.54
N ASP B 71 10.86 -18.43 33.38
CA ASP B 71 11.34 -17.09 33.02
C ASP B 71 10.78 -16.00 33.95
N THR B 72 11.53 -14.91 34.10
CA THR B 72 11.07 -13.74 34.86
C THR B 72 11.42 -12.50 34.07
N GLY B 73 10.96 -11.34 34.54
CA GLY B 73 11.36 -10.05 33.97
C GLY B 73 12.53 -9.40 34.70
N ASP B 74 13.36 -10.22 35.34
CA ASP B 74 14.53 -9.72 36.07
C ASP B 74 15.48 -8.96 35.14
N VAL B 75 15.66 -9.50 33.93
CA VAL B 75 16.59 -8.91 32.96
C VAL B 75 15.83 -8.39 31.75
N ALA B 76 15.04 -9.28 31.16
CA ALA B 76 14.22 -8.98 29.98
C ALA B 76 15.13 -8.43 28.88
N CYS B 77 14.88 -7.22 28.41
CA CYS B 77 15.65 -6.64 27.32
C CYS B 77 16.66 -5.66 27.87
N ASP B 78 16.77 -5.60 29.20
CA ASP B 78 17.61 -4.63 29.89
C ASP B 78 17.40 -3.24 29.26
N HIS B 79 16.13 -2.92 28.98
CA HIS B 79 15.78 -1.57 28.49
C HIS B 79 16.00 -0.54 29.59
N TYR B 80 15.96 -0.98 30.84
CA TYR B 80 16.29 -0.09 31.95
C TYR B 80 17.67 0.55 31.77
N ASN B 81 18.61 -0.21 31.19
CA ASN B 81 19.95 0.31 30.93
C ASN B 81 20.16 0.77 29.49
N ARG B 82 19.49 0.11 28.56
CA ARG B 82 19.71 0.30 27.14
C ARG B 82 18.62 1.10 26.43
N TRP B 83 17.95 1.96 27.19
CA TRP B 83 16.81 2.73 26.69
C TRP B 83 17.17 3.67 25.54
N LYS B 84 18.32 4.33 25.64
CA LYS B 84 18.76 5.32 24.63
C LYS B 84 18.90 4.69 23.25
N GLU B 85 19.61 3.57 23.17
CA GLU B 85 19.75 2.78 21.94
C GLU B 85 18.40 2.40 21.34
N ASP B 86 17.50 1.85 22.18
CA ASP B 86 16.19 1.39 21.71
C ASP B 86 15.39 2.54 21.08
N ILE B 87 15.45 3.72 21.69
CA ILE B 87 14.80 4.91 21.15
C ILE B 87 15.45 5.33 19.82
N GLU B 88 16.77 5.16 19.73
CA GLU B 88 17.50 5.48 18.49
C GLU B 88 17.09 4.56 17.36
N ILE B 89 16.76 3.32 17.67
CA ILE B 89 16.19 2.41 16.67
C ILE B 89 14.86 2.96 16.16
N ILE B 90 14.01 3.44 17.06
CA ILE B 90 12.74 4.05 16.69
C ILE B 90 13.01 5.23 15.73
N GLU B 91 13.86 6.14 16.19
CA GLU B 91 14.27 7.31 15.40
C GLU B 91 14.91 6.91 14.03
N LYS B 92 15.88 6.00 14.06
CA LYS B 92 16.53 5.48 12.84
C LYS B 92 15.55 4.75 11.91
N LEU B 93 14.43 4.28 12.44
CA LEU B 93 13.36 3.73 11.62
C LEU B 93 12.32 4.78 11.25
N GLY B 94 12.46 5.98 11.80
CA GLY B 94 11.55 7.09 11.52
C GLY B 94 10.12 6.94 12.05
N VAL B 95 9.88 5.94 12.89
CA VAL B 95 8.57 5.76 13.55
C VAL B 95 8.29 7.02 14.36
N LYS B 96 7.05 7.50 14.30
CA LYS B 96 6.74 8.81 14.88
C LYS B 96 6.12 8.76 16.27
N ALA B 97 5.66 7.57 16.69
CA ALA B 97 5.06 7.42 18.04
C ALA B 97 5.57 6.19 18.79
N TYR B 98 5.77 6.36 20.08
CA TYR B 98 6.14 5.24 20.97
C TYR B 98 5.13 5.14 22.11
N ARG B 99 4.39 4.03 22.10
CA ARG B 99 3.49 3.67 23.21
C ARG B 99 4.33 2.86 24.20
N PHE B 100 4.51 3.42 25.40
CA PHE B 100 5.22 2.71 26.47
C PHE B 100 4.45 2.80 27.78
N SER B 101 4.71 1.85 28.68
CA SER B 101 4.08 1.92 30.01
C SER B 101 5.02 2.31 31.12
N ILE B 102 4.43 2.91 32.14
CA ILE B 102 5.13 3.27 33.34
C ILE B 102 4.84 2.22 34.45
N SER B 103 5.92 1.80 35.09
CA SER B 103 5.89 0.87 36.22
C SER B 103 5.44 1.59 37.49
N TRP B 104 4.20 1.34 37.91
CA TRP B 104 3.66 1.95 39.14
C TRP B 104 4.64 1.83 40.32
N PRO B 105 5.15 0.61 40.60
CA PRO B 105 5.99 0.47 41.81
C PRO B 105 7.40 1.13 41.73
N ARG B 106 7.81 1.55 40.54
CA ARG B 106 9.00 2.43 40.39
C ARG B 106 8.71 3.85 40.87
N ILE B 107 7.47 4.29 40.72
CA ILE B 107 7.05 5.66 41.04
C ILE B 107 6.61 5.72 42.49
N LEU B 108 5.83 4.72 42.90
CA LEU B 108 5.30 4.68 44.25
C LEU B 108 5.52 3.25 44.75
N PRO B 109 6.68 3.02 45.40
CA PRO B 109 7.09 1.66 45.76
C PRO B 109 6.09 0.94 46.65
N GLU B 110 5.34 1.71 47.45
CA GLU B 110 4.31 1.19 48.36
CA GLU B 110 4.31 1.17 48.35
C GLU B 110 2.90 1.34 47.75
N GLY B 111 2.86 1.59 46.44
CA GLY B 111 1.58 1.85 45.77
C GLY B 111 0.96 3.24 45.98
N THR B 112 1.00 3.72 47.22
CA THR B 112 0.58 5.07 47.55
C THR B 112 1.69 5.67 48.43
N GLY B 113 1.62 6.97 48.66
CA GLY B 113 2.48 7.66 49.61
C GLY B 113 3.72 8.28 48.99
N ARG B 114 4.87 7.75 49.40
CA ARG B 114 6.16 8.30 49.04
C ARG B 114 6.47 8.11 47.55
N VAL B 115 6.73 9.21 46.86
CA VAL B 115 7.20 9.16 45.47
C VAL B 115 8.71 8.86 45.38
N ASN B 116 9.07 7.98 44.46
CA ASN B 116 10.45 7.63 44.25
C ASN B 116 11.04 8.51 43.13
N GLN B 117 11.83 9.51 43.52
CA GLN B 117 12.47 10.44 42.56
C GLN B 117 13.24 9.72 41.44
N LYS B 118 13.94 8.65 41.78
CA LYS B 118 14.68 7.91 40.78
C LYS B 118 13.79 7.24 39.71
N GLY B 119 12.55 6.92 40.07
CA GLY B 119 11.61 6.37 39.11
C GLY B 119 11.18 7.49 38.20
N LEU B 120 10.95 8.67 38.77
CA LEU B 120 10.62 9.85 37.97
C LEU B 120 11.75 10.16 36.98
N ASP B 121 12.99 10.12 37.47
CA ASP B 121 14.18 10.35 36.63
C ASP B 121 14.19 9.41 35.44
N PHE B 122 13.98 8.12 35.67
CA PHE B 122 14.06 7.14 34.59
C PHE B 122 13.14 7.47 33.43
N TYR B 123 11.87 7.79 33.73
CA TYR B 123 10.92 8.04 32.66
C TYR B 123 11.08 9.44 32.05
N ASN B 124 11.49 10.44 32.85
CA ASN B 124 11.74 11.79 32.29
C ASN B 124 12.83 11.84 31.20
N ARG B 125 13.92 11.10 31.40
CA ARG B 125 14.94 10.93 30.36
C ARG B 125 14.39 10.29 29.09
N ILE B 126 13.51 9.30 29.23
CA ILE B 126 12.87 8.66 28.07
C ILE B 126 11.96 9.65 27.34
N ILE B 127 11.18 10.41 28.11
CA ILE B 127 10.23 11.40 27.60
C ILE B 127 10.98 12.53 26.88
N ASP B 128 12.04 13.03 27.50
CA ASP B 128 12.87 14.09 26.90
C ASP B 128 13.50 13.63 25.59
N THR B 129 14.27 12.54 25.63
CA THR B 129 14.82 11.91 24.42
C THR B 129 13.79 11.77 23.29
N LEU B 130 12.63 11.19 23.61
CA LEU B 130 11.55 11.06 22.62
C LEU B 130 11.16 12.41 22.00
N LEU B 131 10.99 13.43 22.83
CA LEU B 131 10.61 14.77 22.35
C LEU B 131 11.71 15.42 21.48
N GLU B 132 12.97 15.28 21.92
CA GLU B 132 14.15 15.71 21.17
C GLU B 132 14.17 15.13 19.76
N LYS B 133 13.87 13.83 19.65
CA LYS B 133 13.90 13.15 18.35
C LYS B 133 12.58 13.28 17.58
N GLY B 134 11.69 14.13 18.09
CA GLY B 134 10.35 14.29 17.50
C GLY B 134 9.52 13.01 17.43
N ILE B 135 9.64 12.16 18.45
CA ILE B 135 8.78 10.96 18.57
C ILE B 135 7.69 11.26 19.60
N THR B 136 6.42 11.05 19.22
CA THR B 136 5.28 11.34 20.10
C THR B 136 5.08 10.21 21.13
N PRO B 137 5.18 10.54 22.43
CA PRO B 137 4.89 9.52 23.45
C PRO B 137 3.39 9.25 23.70
N PHE B 138 2.99 7.98 23.59
CA PHE B 138 1.73 7.51 24.18
C PHE B 138 2.06 6.74 25.46
N VAL B 139 1.63 7.25 26.61
CA VAL B 139 1.94 6.59 27.89
C VAL B 139 0.76 5.76 28.43
N THR B 140 1.00 4.46 28.62
CA THR B 140 0.06 3.57 29.29
C THR B 140 0.33 3.66 30.79
N ILE B 141 -0.65 4.13 31.53
CA ILE B 141 -0.50 4.31 32.97
C ILE B 141 -0.36 2.91 33.62
N TYR B 142 -1.21 1.97 33.23
CA TYR B 142 -1.20 0.66 33.86
C TYR B 142 -1.10 -0.44 32.86
N HIS B 143 0.04 -1.11 32.80
CA HIS B 143 0.16 -2.27 31.92
C HIS B 143 0.58 -3.50 32.76
N TRP B 144 -0.15 -3.68 33.88
CA TRP B 144 -0.26 -4.97 34.60
C TRP B 144 0.72 -5.16 35.75
N ASP B 145 1.69 -4.25 35.89
CA ASP B 145 2.67 -4.39 36.97
C ASP B 145 2.23 -3.67 38.25
N LEU B 146 1.12 -4.17 38.82
CA LEU B 146 0.56 -3.59 40.07
C LEU B 146 1.62 -3.72 41.17
N PRO B 147 1.78 -2.68 42.01
CA PRO B 147 2.63 -2.78 43.18
C PRO B 147 2.17 -3.92 44.09
N PHE B 148 3.12 -4.77 44.46
CA PHE B 148 2.83 -5.87 45.37
C PHE B 148 2.17 -5.39 46.67
N ALA B 149 2.59 -4.23 47.20
CA ALA B 149 2.01 -3.68 48.44
C ALA B 149 0.48 -3.53 48.30
N LEU B 150 0.01 -3.17 47.10
CA LEU B 150 -1.44 -2.98 46.91
C LEU B 150 -2.17 -4.32 46.72
N GLN B 151 -1.49 -5.32 46.13
CA GLN B 151 -2.06 -6.67 46.06
C GLN B 151 -2.31 -7.26 47.46
N LEU B 152 -1.41 -6.97 48.40
CA LEU B 152 -1.58 -7.43 49.80
C LEU B 152 -2.86 -6.87 50.37
N LYS B 153 -3.29 -5.72 49.85
CA LYS B 153 -4.57 -5.10 50.24
C LYS B 153 -5.75 -5.44 49.31
N GLY B 154 -5.60 -6.48 48.50
CA GLY B 154 -6.70 -6.95 47.66
C GLY B 154 -6.58 -6.50 46.21
N GLY B 155 -5.66 -5.58 45.94
CA GLY B 155 -5.44 -5.12 44.54
C GLY B 155 -6.75 -4.75 43.87
N TRP B 156 -6.98 -5.27 42.66
CA TRP B 156 -8.16 -4.84 41.87
C TRP B 156 -9.47 -5.32 42.45
N ALA B 157 -9.40 -6.25 43.39
CA ALA B 157 -10.60 -6.66 44.15
C ALA B 157 -11.10 -5.59 45.10
N ASN B 158 -10.24 -4.66 45.53
CA ASN B 158 -10.60 -3.72 46.58
C ASN B 158 -11.10 -2.41 45.99
N ARG B 159 -12.30 -1.97 46.39
CA ARG B 159 -12.89 -0.74 45.84
C ARG B 159 -11.95 0.43 46.02
N GLU B 160 -11.08 0.34 47.01
CA GLU B 160 -10.17 1.45 47.32
C GLU B 160 -9.13 1.70 46.22
N ILE B 161 -8.91 0.73 45.35
CA ILE B 161 -8.00 0.91 44.23
C ILE B 161 -8.39 2.11 43.36
N ALA B 162 -9.66 2.47 43.28
CA ALA B 162 -10.03 3.69 42.51
C ALA B 162 -9.30 4.92 43.07
N ASP B 163 -9.15 4.99 44.40
CA ASP B 163 -8.37 6.06 45.09
CA ASP B 163 -8.41 6.10 45.03
C ASP B 163 -6.89 5.94 44.82
N TRP B 164 -6.36 4.74 45.04
CA TRP B 164 -4.92 4.47 44.82
C TRP B 164 -4.53 4.80 43.35
N PHE B 165 -5.37 4.40 42.40
CA PHE B 165 -5.11 4.63 40.97
C PHE B 165 -5.19 6.12 40.59
N ALA B 166 -6.15 6.83 41.17
CA ALA B 166 -6.26 8.29 41.05
C ALA B 166 -5.00 9.01 41.54
N GLU B 167 -4.51 8.62 42.72
CA GLU B 167 -3.32 9.24 43.32
C GLU B 167 -2.05 8.96 42.47
N TYR B 168 -1.89 7.71 42.05
CA TYR B 168 -0.85 7.38 41.12
C TYR B 168 -0.95 8.19 39.80
N SER B 169 -2.14 8.17 39.20
CA SER B 169 -2.42 8.92 37.95
C SER B 169 -2.07 10.43 38.08
N ARG B 170 -2.48 11.04 39.18
CA ARG B 170 -2.14 12.43 39.51
C ARG B 170 -0.63 12.65 39.58
N VAL B 171 0.12 11.69 40.14
CA VAL B 171 1.56 11.83 40.22
C VAL B 171 2.18 11.85 38.81
N LEU B 172 1.74 10.94 37.94
CA LEU B 172 2.18 10.90 36.55
C LEU B 172 1.79 12.18 35.77
N PHE B 173 0.56 12.65 35.99
CA PHE B 173 0.09 13.86 35.29
C PHE B 173 0.88 15.11 35.72
N GLU B 174 1.10 15.25 37.03
CA GLU B 174 1.77 16.43 37.55
C GLU B 174 3.25 16.43 37.15
N ASN B 175 3.84 15.25 37.11
CA ASN B 175 5.26 15.13 36.78
C ASN B 175 5.57 15.03 35.29
N PHE B 176 4.65 14.48 34.50
CA PHE B 176 4.95 14.20 33.10
C PHE B 176 4.01 14.90 32.13
N GLY B 177 2.95 15.53 32.66
CA GLY B 177 1.85 16.05 31.84
C GLY B 177 2.20 17.26 30.95
N ASP B 178 3.22 18.00 31.36
CA ASP B 178 3.75 19.15 30.61
C ASP B 178 4.30 18.74 29.24
N ARG B 179 4.80 17.50 29.13
CA ARG B 179 5.36 16.98 27.89
C ARG B 179 4.58 15.83 27.27
N VAL B 180 3.97 14.97 28.10
CA VAL B 180 3.14 13.91 27.53
C VAL B 180 1.69 14.39 27.45
N LYS B 181 1.09 14.26 26.26
CA LYS B 181 -0.26 14.79 26.02
C LYS B 181 -1.19 13.70 25.52
N ASN B 182 -0.65 12.49 25.36
CA ASN B 182 -1.47 11.34 24.96
C ASN B 182 -1.32 10.17 25.97
N TRP B 183 -2.44 9.79 26.58
CA TRP B 183 -2.42 8.96 27.79
C TRP B 183 -3.45 7.85 27.67
N ILE B 184 -3.13 6.70 28.27
CA ILE B 184 -4.02 5.54 28.25
C ILE B 184 -4.14 5.09 29.71
N THR B 185 -5.37 4.95 30.21
CA THR B 185 -5.53 4.58 31.63
C THR B 185 -5.07 3.13 31.78
N LEU B 186 -5.71 2.23 31.05
CA LEU B 186 -5.56 0.81 31.31
C LEU B 186 -5.28 0.09 30.02
N ASN B 187 -4.35 -0.87 30.08
CA ASN B 187 -4.19 -1.83 28.99
C ASN B 187 -5.00 -3.09 29.25
N GLU B 188 -5.98 -3.35 28.38
CA GLU B 188 -6.69 -4.64 28.32
C GLU B 188 -7.25 -5.07 29.70
N PRO B 189 -8.16 -4.27 30.27
CA PRO B 189 -8.73 -4.65 31.58
C PRO B 189 -9.42 -5.99 31.62
N TRP B 190 -9.95 -6.45 30.47
CA TRP B 190 -10.53 -7.79 30.41
C TRP B 190 -9.48 -8.83 30.83
N VAL B 191 -8.27 -8.67 30.29
CA VAL B 191 -7.21 -9.64 30.60
C VAL B 191 -6.84 -9.54 32.08
N VAL B 192 -6.61 -8.32 32.56
CA VAL B 192 -6.30 -8.03 33.97
C VAL B 192 -7.30 -8.73 34.90
N ALA B 193 -8.59 -8.55 34.60
CA ALA B 193 -9.67 -9.05 35.43
C ALA B 193 -9.80 -10.55 35.25
N ILE B 194 -10.05 -11.00 34.02
CA ILE B 194 -10.43 -12.40 33.80
C ILE B 194 -9.22 -13.34 33.80
N VAL B 195 -8.16 -12.97 33.11
CA VAL B 195 -7.00 -13.87 33.03
C VAL B 195 -6.21 -13.86 34.37
N GLY B 196 -6.21 -12.75 35.07
CA GLY B 196 -5.46 -12.64 36.31
C GLY B 196 -6.24 -13.15 37.52
N HIS B 197 -7.58 -13.13 37.44
CA HIS B 197 -8.41 -13.41 38.62
C HIS B 197 -9.44 -14.51 38.43
N LEU B 198 -9.72 -14.91 37.19
CA LEU B 198 -10.59 -16.05 36.95
C LEU B 198 -9.80 -17.29 36.46
N TYR B 199 -8.94 -17.12 35.48
CA TYR B 199 -8.18 -18.24 34.91
C TYR B 199 -6.94 -18.53 35.73
N GLY B 200 -6.49 -17.51 36.45
CA GLY B 200 -5.27 -17.57 37.27
C GLY B 200 -3.95 -17.71 36.51
N VAL B 201 -3.95 -17.37 35.22
CA VAL B 201 -2.80 -17.55 34.30
C VAL B 201 -1.87 -16.35 34.32
N HIS B 202 -2.41 -15.21 34.75
CA HIS B 202 -1.63 -14.00 34.95
C HIS B 202 -1.66 -13.58 36.40
N ALA B 203 -0.69 -12.76 36.81
CA ALA B 203 -0.71 -12.16 38.15
C ALA B 203 -2.08 -11.44 38.37
N PRO B 204 -2.64 -11.54 39.60
CA PRO B 204 -2.13 -12.24 40.79
C PRO B 204 -2.37 -13.77 40.88
N GLY B 205 -2.85 -14.39 39.81
CA GLY B 205 -2.95 -15.83 39.75
C GLY B 205 -4.08 -16.41 40.54
N MET B 206 -5.23 -15.72 40.55
CA MET B 206 -6.43 -16.13 41.29
CA MET B 206 -6.41 -16.18 41.28
C MET B 206 -7.43 -16.82 40.34
N ARG B 207 -8.25 -17.72 40.92
CA ARG B 207 -9.38 -18.31 40.22
CA ARG B 207 -9.38 -18.31 40.22
CA ARG B 207 -9.39 -18.31 40.22
C ARG B 207 -10.65 -18.18 41.05
N ASP B 208 -11.31 -17.03 40.93
CA ASP B 208 -12.55 -16.75 41.66
C ASP B 208 -13.41 -15.78 40.84
N ILE B 209 -14.57 -16.23 40.39
CA ILE B 209 -15.34 -15.46 39.40
C ILE B 209 -15.99 -14.23 40.04
N TYR B 210 -16.27 -14.33 41.34
CA TYR B 210 -16.81 -13.19 42.06
C TYR B 210 -15.74 -12.11 42.17
N VAL B 211 -14.52 -12.51 42.48
CA VAL B 211 -13.41 -11.56 42.50
C VAL B 211 -13.16 -10.94 41.10
N ALA B 212 -13.17 -11.80 40.09
CA ALA B 212 -12.89 -11.37 38.70
C ALA B 212 -13.86 -10.28 38.25
N PHE B 213 -15.15 -10.42 38.55
CA PHE B 213 -16.11 -9.37 38.13
C PHE B 213 -16.06 -8.11 38.94
N ARG B 214 -15.63 -8.25 40.20
CA ARG B 214 -15.40 -7.07 40.99
C ARG B 214 -14.16 -6.33 40.48
N ALA B 215 -13.16 -7.09 40.01
CA ALA B 215 -12.01 -6.44 39.36
C ALA B 215 -12.45 -5.68 38.09
N VAL B 216 -13.30 -6.30 37.27
CA VAL B 216 -13.88 -5.63 36.08
C VAL B 216 -14.46 -4.27 36.47
N HIS B 217 -15.28 -4.30 37.53
CA HIS B 217 -15.98 -3.14 37.96
C HIS B 217 -15.05 -2.08 38.59
N ASN B 218 -14.10 -2.51 39.42
CA ASN B 218 -13.14 -1.57 39.99
C ASN B 218 -12.16 -0.99 38.95
N LEU B 219 -11.89 -1.75 37.89
CA LEU B 219 -11.07 -1.24 36.77
C LEU B 219 -11.77 -0.05 36.15
N LEU B 220 -13.05 -0.19 35.86
CA LEU B 220 -13.84 0.91 35.30
C LEU B 220 -13.91 2.10 36.24
N ARG B 221 -14.09 1.82 37.52
CA ARG B 221 -14.12 2.89 38.53
C ARG B 221 -12.77 3.65 38.61
N ALA B 222 -11.66 2.91 38.62
CA ALA B 222 -10.31 3.49 38.69
C ALA B 222 -9.98 4.27 37.41
N HIS B 223 -10.28 3.67 36.26
CA HIS B 223 -10.24 4.41 35.00
C HIS B 223 -10.94 5.79 35.04
N ALA B 224 -12.18 5.82 35.49
CA ALA B 224 -12.95 7.06 35.45
C ALA B 224 -12.40 8.10 36.41
N ARG B 225 -11.88 7.65 37.56
CA ARG B 225 -11.24 8.55 38.53
C ARG B 225 -9.98 9.17 37.96
N ALA B 226 -9.24 8.38 37.19
CA ALA B 226 -8.01 8.85 36.53
C ALA B 226 -8.32 9.91 35.48
N VAL B 227 -9.36 9.68 34.68
CA VAL B 227 -9.77 10.64 33.64
C VAL B 227 -10.25 11.96 34.28
N LYS B 228 -11.08 11.84 35.32
CA LYS B 228 -11.49 12.99 36.13
C LYS B 228 -10.30 13.81 36.65
N VAL B 229 -9.26 13.15 37.17
CA VAL B 229 -8.03 13.82 37.62
C VAL B 229 -7.27 14.42 36.44
N PHE B 230 -7.31 13.72 35.30
CA PHE B 230 -6.64 14.18 34.08
C PHE B 230 -7.19 15.55 33.63
N ARG B 231 -8.50 15.76 33.74
CA ARG B 231 -9.09 17.04 33.31
C ARG B 231 -8.63 18.20 34.20
N GLU B 232 -8.23 17.87 35.42
CA GLU B 232 -7.75 18.83 36.41
C GLU B 232 -6.26 19.19 36.26
N THR B 233 -5.50 18.37 35.56
CA THR B 233 -4.03 18.46 35.64
C THR B 233 -3.30 18.58 34.31
N VAL B 234 -3.91 18.16 33.21
CA VAL B 234 -3.20 18.21 31.93
C VAL B 234 -3.91 19.08 30.90
N LYS B 235 -3.16 20.08 30.41
CA LYS B 235 -3.67 21.17 29.56
C LYS B 235 -4.29 20.73 28.24
N ASP B 236 -3.46 20.41 27.25
CA ASP B 236 -3.95 20.11 25.91
C ASP B 236 -3.78 18.60 25.69
N GLY B 237 -4.23 17.82 26.67
CA GLY B 237 -4.00 16.38 26.62
C GLY B 237 -5.23 15.62 26.18
N LYS B 238 -5.00 14.40 25.69
CA LYS B 238 -6.10 13.49 25.50
C LYS B 238 -5.84 12.15 26.19
N ILE B 239 -6.94 11.53 26.62
CA ILE B 239 -6.87 10.32 27.43
C ILE B 239 -7.88 9.32 26.91
N GLY B 240 -7.48 8.05 26.93
CA GLY B 240 -8.31 6.97 26.44
C GLY B 240 -8.02 5.69 27.20
N ILE B 241 -8.39 4.56 26.60
CA ILE B 241 -8.32 3.28 27.25
C ILE B 241 -8.23 2.23 26.17
N VAL B 242 -7.61 1.10 26.49
CA VAL B 242 -7.20 0.10 25.49
C VAL B 242 -7.82 -1.25 25.79
N PHE B 243 -8.46 -1.84 24.78
CA PHE B 243 -9.11 -3.14 24.92
C PHE B 243 -8.56 -4.15 23.96
N ASN B 244 -8.48 -5.38 24.45
CA ASN B 244 -8.17 -6.50 23.61
C ASN B 244 -9.46 -6.84 22.88
N ASN B 245 -9.31 -7.35 21.66
CA ASN B 245 -10.46 -7.73 20.88
C ASN B 245 -10.10 -8.91 20.01
N GLY B 246 -11.06 -9.82 19.84
CA GLY B 246 -10.94 -10.90 18.89
C GLY B 246 -12.12 -10.81 17.91
N TYR B 247 -11.91 -11.33 16.71
CA TYR B 247 -12.99 -11.36 15.74
C TYR B 247 -13.60 -12.74 15.82
N PHE B 248 -14.79 -12.80 16.40
CA PHE B 248 -15.52 -14.06 16.60
C PHE B 248 -16.49 -14.34 15.44
N GLU B 249 -16.46 -15.58 14.94
CA GLU B 249 -17.39 -16.04 13.91
C GLU B 249 -18.10 -17.30 14.38
N PRO B 250 -19.37 -17.50 13.95
CA PRO B 250 -20.12 -18.68 14.40
C PRO B 250 -19.69 -19.95 13.66
N ALA B 251 -19.80 -21.09 14.34
CA ALA B 251 -19.43 -22.37 13.72
C ALA B 251 -20.44 -22.75 12.65
N SER B 252 -21.68 -22.32 12.85
CA SER B 252 -22.76 -22.55 11.90
C SER B 252 -23.73 -21.38 11.91
N GLU B 253 -24.78 -21.49 11.11
CA GLU B 253 -25.87 -20.53 11.11
C GLU B 253 -26.97 -20.95 12.06
N LYS B 254 -26.67 -21.93 12.92
CA LYS B 254 -27.59 -22.25 14.00
C LYS B 254 -27.78 -21.02 14.89
N GLU B 255 -29.04 -20.74 15.23
CA GLU B 255 -29.44 -19.65 16.12
C GLU B 255 -28.45 -19.47 17.28
N GLU B 256 -28.30 -20.56 18.05
CA GLU B 256 -27.49 -20.58 19.25
C GLU B 256 -25.99 -20.26 19.06
N ASP B 257 -25.43 -20.57 17.89
CA ASP B 257 -24.02 -20.28 17.58
C ASP B 257 -23.80 -18.79 17.31
N ILE B 258 -24.74 -18.18 16.60
CA ILE B 258 -24.70 -16.76 16.28
C ILE B 258 -24.80 -15.95 17.57
N ARG B 259 -25.67 -16.40 18.49
CA ARG B 259 -25.80 -15.81 19.80
C ARG B 259 -24.53 -15.99 20.65
N ALA B 260 -23.85 -17.13 20.46
CA ALA B 260 -22.59 -17.40 21.16
C ALA B 260 -21.54 -16.38 20.75
N VAL B 261 -21.52 -16.03 19.46
CA VAL B 261 -20.64 -14.98 18.97
C VAL B 261 -20.97 -13.64 19.65
N ARG B 262 -22.27 -13.36 19.79
CA ARG B 262 -22.75 -12.11 20.34
C ARG B 262 -22.30 -12.02 21.81
N PHE B 263 -22.42 -13.14 22.54
CA PHE B 263 -21.92 -13.18 23.92
C PHE B 263 -20.42 -12.96 23.96
N MET B 264 -19.68 -13.57 23.04
CA MET B 264 -18.22 -13.45 23.04
C MET B 264 -17.76 -12.04 22.73
N HIS B 265 -18.46 -11.39 21.80
CA HIS B 265 -18.15 -10.01 21.48
C HIS B 265 -18.43 -9.13 22.71
N GLN B 266 -19.61 -9.28 23.30
CA GLN B 266 -20.02 -8.45 24.42
C GLN B 266 -19.10 -8.61 25.66
N PHE B 267 -18.62 -9.83 25.88
CA PHE B 267 -17.78 -10.14 27.04
C PHE B 267 -16.26 -9.96 26.84
N ASN B 268 -15.71 -10.55 25.76
CA ASN B 268 -14.27 -10.55 25.50
CA ASN B 268 -14.26 -10.50 25.54
C ASN B 268 -13.81 -9.26 24.83
N ASN B 269 -14.73 -8.53 24.20
CA ASN B 269 -14.32 -7.34 23.44
C ASN B 269 -14.68 -6.04 24.16
N TYR B 270 -14.31 -4.91 23.54
CA TYR B 270 -14.67 -3.55 24.04
C TYR B 270 -16.08 -3.32 24.69
N PRO B 271 -17.18 -3.97 24.21
CA PRO B 271 -18.45 -3.58 24.88
C PRO B 271 -18.48 -3.80 26.40
N LEU B 272 -17.72 -4.77 26.91
CA LEU B 272 -17.74 -5.02 28.36
C LEU B 272 -17.47 -3.72 29.11
N PHE B 273 -16.60 -2.89 28.56
CA PHE B 273 -16.18 -1.63 29.18
C PHE B 273 -16.81 -0.39 28.55
N LEU B 274 -17.04 -0.47 27.24
CA LEU B 274 -17.66 0.68 26.56
C LEU B 274 -19.15 0.83 26.76
N ASN B 275 -19.86 -0.27 26.98
CA ASN B 275 -21.28 -0.15 27.34
C ASN B 275 -21.45 0.60 28.67
N PRO B 276 -20.68 0.23 29.72
CA PRO B 276 -20.62 1.09 30.93
C PRO B 276 -20.25 2.57 30.63
N ILE B 277 -19.14 2.80 29.93
CA ILE B 277 -18.64 4.16 29.68
C ILE B 277 -19.62 5.05 28.85
N TYR B 278 -20.16 4.48 27.76
CA TYR B 278 -21.12 5.19 26.90
C TYR B 278 -22.62 5.04 27.22
N ARG B 279 -23.05 3.96 27.86
CA ARG B 279 -24.49 3.74 28.07
C ARG B 279 -24.89 3.54 29.54
N GLY B 280 -23.91 3.42 30.42
CA GLY B 280 -24.20 3.39 31.86
C GLY B 280 -24.67 2.05 32.39
N ASP B 281 -24.34 0.96 31.66
CA ASP B 281 -24.51 -0.40 32.21
C ASP B 281 -23.67 -1.41 31.42
N TYR B 282 -23.52 -2.61 31.96
CA TYR B 282 -22.84 -3.72 31.27
C TYR B 282 -23.72 -4.19 30.12
N PRO B 283 -23.11 -4.82 29.08
CA PRO B 283 -23.89 -5.41 27.98
C PRO B 283 -24.90 -6.45 28.49
N GLU B 284 -26.05 -6.57 27.82
CA GLU B 284 -27.13 -7.41 28.36
C GLU B 284 -26.79 -8.88 28.51
N LEU B 285 -26.03 -9.45 27.58
CA LEU B 285 -25.69 -10.88 27.68
C LEU B 285 -24.59 -11.10 28.74
N VAL B 286 -23.78 -10.07 29.00
CA VAL B 286 -22.80 -10.09 30.11
C VAL B 286 -23.56 -10.14 31.43
N LEU B 287 -24.61 -9.34 31.55
CA LEU B 287 -25.46 -9.34 32.72
C LEU B 287 -26.21 -10.67 32.93
N GLU B 288 -26.73 -11.23 31.83
CA GLU B 288 -27.42 -12.52 31.89
C GLU B 288 -26.48 -13.59 32.45
N PHE B 289 -25.22 -13.51 32.08
CA PHE B 289 -24.20 -14.47 32.57
C PHE B 289 -23.71 -14.15 33.98
N ALA B 290 -23.46 -12.88 34.26
CA ALA B 290 -22.61 -12.51 35.38
C ALA B 290 -23.21 -11.58 36.42
N ARG B 291 -24.50 -11.28 36.34
CA ARG B 291 -25.10 -10.39 37.33
C ARG B 291 -24.87 -10.89 38.76
N GLU B 292 -24.91 -12.20 39.01
CA GLU B 292 -24.74 -12.68 40.38
CA GLU B 292 -24.75 -12.68 40.39
C GLU B 292 -23.31 -12.48 40.92
N TYR B 293 -22.34 -12.24 40.01
CA TYR B 293 -20.92 -12.06 40.35
C TYR B 293 -20.50 -10.61 40.53
N LEU B 294 -21.33 -9.69 40.05
CA LEU B 294 -21.02 -8.25 40.12
C LEU B 294 -21.39 -7.72 41.48
N PRO B 295 -20.73 -6.64 41.94
CA PRO B 295 -21.11 -6.15 43.26
C PRO B 295 -22.59 -5.79 43.35
N GLU B 296 -23.12 -5.96 44.56
CA GLU B 296 -24.40 -5.42 44.89
C GLU B 296 -24.33 -3.89 44.75
N ASN B 297 -25.33 -3.35 44.09
CA ASN B 297 -25.43 -1.92 43.84
C ASN B 297 -24.36 -1.38 42.89
N TYR B 298 -23.81 -2.25 42.03
CA TYR B 298 -22.78 -1.82 41.07
C TYR B 298 -23.25 -0.64 40.22
N LYS B 299 -24.54 -0.60 39.91
CA LYS B 299 -25.03 0.40 38.98
C LYS B 299 -25.01 1.79 39.59
N ASP B 300 -24.96 1.87 40.93
CA ASP B 300 -24.70 3.15 41.61
C ASP B 300 -23.42 3.81 41.12
N ASP B 301 -22.44 3.03 40.62
CA ASP B 301 -21.16 3.61 40.20
C ASP B 301 -21.15 4.03 38.74
N MET B 302 -22.20 3.68 38.01
CA MET B 302 -22.19 3.87 36.55
C MET B 302 -22.20 5.31 36.05
N SER B 303 -22.87 6.20 36.79
CA SER B 303 -22.89 7.60 36.35
C SER B 303 -21.50 8.24 36.48
N GLU B 304 -20.71 7.83 37.48
CA GLU B 304 -19.30 8.23 37.49
C GLU B 304 -18.42 7.50 36.46
N ILE B 305 -18.71 6.24 36.19
CA ILE B 305 -17.97 5.50 35.15
C ILE B 305 -18.08 6.19 33.75
N GLN B 306 -19.20 6.85 33.48
CA GLN B 306 -19.39 7.58 32.21
C GLN B 306 -18.57 8.85 32.00
N GLU B 307 -17.63 9.15 32.90
CA GLU B 307 -16.62 10.20 32.65
C GLU B 307 -16.19 10.18 31.16
N LYS B 308 -16.27 11.32 30.48
CA LYS B 308 -16.04 11.38 29.02
C LYS B 308 -14.58 11.10 28.66
N ILE B 309 -14.36 10.25 27.66
CA ILE B 309 -13.01 9.92 27.19
C ILE B 309 -12.72 10.52 25.80
N ASP B 310 -11.46 10.57 25.40
CA ASP B 310 -11.11 11.22 24.15
C ASP B 310 -10.98 10.25 23.00
N PHE B 311 -10.43 9.06 23.27
CA PHE B 311 -10.24 8.04 22.24
C PHE B 311 -10.40 6.63 22.80
N VAL B 312 -10.64 5.68 21.90
CA VAL B 312 -10.67 4.26 22.23
C VAL B 312 -9.50 3.58 21.55
N GLY B 313 -8.63 2.96 22.33
CA GLY B 313 -7.56 2.14 21.76
C GLY B 313 -8.06 0.72 21.57
N LEU B 314 -7.86 0.16 20.38
CA LEU B 314 -8.19 -1.25 20.16
C LEU B 314 -6.92 -2.04 19.85
N ASN B 315 -6.72 -3.12 20.59
CA ASN B 315 -5.69 -4.09 20.25
C ASN B 315 -6.36 -5.20 19.45
N TYR B 316 -5.63 -5.77 18.51
CA TYR B 316 -6.18 -6.86 17.70
C TYR B 316 -5.05 -7.76 17.19
N TYR B 317 -5.30 -9.06 17.29
CA TYR B 317 -4.36 -10.10 16.89
C TYR B 317 -5.01 -11.22 16.10
N SER B 318 -6.21 -11.63 16.48
CA SER B 318 -6.66 -12.93 16.00
C SER B 318 -8.17 -13.09 15.88
N GLY B 319 -8.55 -14.17 15.20
CA GLY B 319 -9.94 -14.52 14.97
C GLY B 319 -10.20 -15.89 15.56
N HIS B 320 -11.46 -16.15 15.90
CA HIS B 320 -11.85 -17.38 16.58
C HIS B 320 -13.19 -17.81 16.04
N LEU B 321 -13.33 -19.10 15.79
CA LEU B 321 -14.60 -19.68 15.44
C LEU B 321 -15.17 -20.21 16.73
N VAL B 322 -16.43 -19.90 17.03
CA VAL B 322 -17.04 -20.33 18.28
C VAL B 322 -18.37 -20.96 18.04
N LYS B 323 -18.86 -21.71 19.03
CA LYS B 323 -20.15 -22.38 18.94
C LYS B 323 -20.77 -22.47 20.32
N PHE B 324 -22.09 -22.57 20.36
CA PHE B 324 -22.83 -22.85 21.57
C PHE B 324 -22.44 -24.24 22.09
N ASP B 325 -22.49 -24.39 23.41
CA ASP B 325 -22.11 -25.66 24.06
C ASP B 325 -22.59 -25.61 25.50
N PRO B 326 -23.63 -26.39 25.82
CA PRO B 326 -24.33 -26.41 27.11
C PRO B 326 -23.43 -26.87 28.26
N ASP B 327 -22.35 -27.56 27.92
CA ASP B 327 -21.43 -28.11 28.90
CA ASP B 327 -21.43 -28.10 28.91
C ASP B 327 -20.33 -27.10 29.26
N ALA B 328 -20.14 -26.11 28.40
CA ALA B 328 -19.08 -25.11 28.59
C ALA B 328 -19.43 -24.08 29.66
N PRO B 329 -18.40 -23.61 30.41
CA PRO B 329 -18.54 -22.40 31.21
C PRO B 329 -18.82 -21.21 30.27
N ALA B 330 -19.87 -20.45 30.59
CA ALA B 330 -20.43 -19.38 29.74
C ALA B 330 -21.19 -19.91 28.51
N LYS B 331 -21.23 -21.24 28.38
CA LYS B 331 -21.93 -21.96 27.31
C LYS B 331 -21.38 -21.73 25.90
N VAL B 332 -20.06 -21.51 25.82
CA VAL B 332 -19.37 -21.27 24.56
C VAL B 332 -18.03 -22.02 24.49
N SER B 333 -17.80 -22.71 23.37
CA SER B 333 -16.51 -23.35 23.08
C SER B 333 -15.88 -22.76 21.82
N PHE B 334 -14.56 -22.65 21.83
CA PHE B 334 -13.79 -22.36 20.64
C PHE B 334 -13.65 -23.64 19.81
N VAL B 335 -13.59 -23.49 18.49
CA VAL B 335 -13.32 -24.61 17.60
C VAL B 335 -12.19 -24.24 16.64
N GLU B 336 -11.21 -25.13 16.54
CA GLU B 336 -10.01 -24.88 15.76
C GLU B 336 -10.31 -24.91 14.26
N ARG B 337 -9.56 -24.13 13.50
CA ARG B 337 -9.77 -24.02 12.06
C ARG B 337 -8.48 -24.29 11.31
N ASP B 338 -8.63 -24.63 10.04
CA ASP B 338 -7.49 -24.92 9.19
C ASP B 338 -6.97 -23.63 8.57
N LEU B 339 -6.67 -22.65 9.42
CA LEU B 339 -6.13 -21.39 8.94
C LEU B 339 -4.66 -21.30 9.34
N PRO B 340 -3.87 -20.42 8.67
CA PRO B 340 -2.49 -20.19 9.10
C PRO B 340 -2.42 -19.56 10.49
N LYS B 341 -1.56 -20.10 11.35
CA LYS B 341 -1.44 -19.69 12.75
C LYS B 341 -0.09 -19.04 13.04
N THR B 342 -0.01 -18.24 14.09
CA THR B 342 1.29 -17.72 14.55
C THR B 342 1.90 -18.72 15.53
N ALA B 343 3.07 -18.38 16.07
CA ALA B 343 3.71 -19.18 17.14
C ALA B 343 2.82 -19.34 18.39
N MET B 344 1.88 -18.41 18.61
CA MET B 344 0.94 -18.49 19.72
C MET B 344 -0.19 -19.47 19.42
N GLY B 345 -0.25 -19.94 18.17
CA GLY B 345 -1.37 -20.75 17.72
C GLY B 345 -2.58 -19.92 17.34
N TRP B 346 -2.40 -18.60 17.22
CA TRP B 346 -3.50 -17.71 16.92
C TRP B 346 -3.75 -17.60 15.42
N GLU B 347 -4.96 -18.01 15.04
CA GLU B 347 -5.44 -17.99 13.66
C GLU B 347 -5.38 -16.58 13.06
N ILE B 348 -4.76 -16.48 11.88
CA ILE B 348 -4.57 -15.20 11.20
C ILE B 348 -5.79 -14.88 10.35
N VAL B 349 -6.55 -13.87 10.79
CA VAL B 349 -7.80 -13.47 10.15
C VAL B 349 -7.84 -11.94 10.02
N PRO B 350 -7.10 -11.38 9.03
CA PRO B 350 -6.89 -9.93 9.00
C PRO B 350 -8.15 -9.09 8.83
N GLU B 351 -9.23 -9.68 8.30
CA GLU B 351 -10.48 -8.96 8.12
C GLU B 351 -11.19 -8.70 9.47
N GLY B 352 -10.69 -9.32 10.53
CA GLY B 352 -11.13 -9.02 11.90
C GLY B 352 -10.82 -7.61 12.34
N ILE B 353 -9.69 -7.07 11.91
CA ILE B 353 -9.35 -5.68 12.26
C ILE B 353 -10.26 -4.64 11.59
N TYR B 354 -10.81 -4.98 10.42
CA TYR B 354 -11.80 -4.14 9.78
C TYR B 354 -13.15 -4.25 10.54
N TRP B 355 -13.55 -5.50 10.81
CA TRP B 355 -14.82 -5.79 11.46
C TRP B 355 -14.94 -5.07 12.82
N ILE B 356 -13.85 -5.07 13.59
CA ILE B 356 -13.90 -4.54 14.94
C ILE B 356 -13.91 -3.02 14.90
N LEU B 357 -13.27 -2.48 13.87
CA LEU B 357 -13.23 -1.04 13.68
C LEU B 357 -14.59 -0.53 13.23
N LYS B 358 -15.20 -1.26 12.31
CA LYS B 358 -16.56 -0.94 11.87
C LYS B 358 -17.50 -1.02 13.05
N LYS B 359 -17.48 -2.17 13.74
CA LYS B 359 -18.41 -2.43 14.85
C LYS B 359 -18.35 -1.38 15.94
N VAL B 360 -17.15 -0.88 16.27
CA VAL B 360 -17.01 0.11 17.36
C VAL B 360 -17.62 1.46 16.99
N LYS B 361 -17.44 1.88 15.72
CA LYS B 361 -18.10 3.09 15.27
CA LYS B 361 -18.10 3.06 15.20
C LYS B 361 -19.61 2.84 15.25
N GLU B 362 -20.06 1.68 14.77
CA GLU B 362 -21.47 1.33 14.79
C GLU B 362 -22.10 1.32 16.18
N GLU B 363 -21.40 0.75 17.15
CA GLU B 363 -21.98 0.54 18.48
C GLU B 363 -21.87 1.78 19.39
N TYR B 364 -20.70 2.42 19.43
CA TYR B 364 -20.45 3.50 20.40
C TYR B 364 -20.02 4.82 19.76
N ASN B 365 -19.61 4.75 18.49
CA ASN B 365 -19.25 5.96 17.77
C ASN B 365 -18.27 6.85 18.55
N PRO B 366 -17.10 6.29 18.96
CA PRO B 366 -16.09 7.10 19.65
C PRO B 366 -15.55 8.22 18.71
N PRO B 367 -15.14 9.39 19.26
CA PRO B 367 -14.63 10.45 18.38
C PRO B 367 -13.34 10.08 17.66
N GLU B 368 -12.43 9.41 18.37
CA GLU B 368 -11.17 8.92 17.81
C GLU B 368 -10.98 7.44 18.18
N VAL B 369 -10.41 6.67 17.25
CA VAL B 369 -10.00 5.29 17.48
C VAL B 369 -8.53 5.12 17.07
N TYR B 370 -7.75 4.42 17.89
CA TYR B 370 -6.39 3.99 17.51
C TYR B 370 -6.27 2.49 17.57
N ILE B 371 -5.52 1.89 16.65
CA ILE B 371 -5.03 0.52 16.84
C ILE B 371 -3.82 0.62 17.74
N THR B 372 -3.97 0.22 19.01
CA THR B 372 -2.91 0.48 19.99
C THR B 372 -1.89 -0.66 20.03
N GLU B 373 -2.27 -1.81 19.46
CA GLU B 373 -1.38 -2.94 19.27
C GLU B 373 -1.87 -3.82 18.14
N ASN B 374 -0.95 -4.24 17.28
CA ASN B 374 -1.24 -5.27 16.29
C ASN B 374 0.10 -5.91 15.95
N GLY B 375 0.14 -7.21 15.77
CA GLY B 375 1.45 -7.86 15.66
C GLY B 375 1.38 -9.36 15.60
N ALA B 376 2.54 -10.00 15.45
CA ALA B 376 2.59 -11.45 15.42
C ALA B 376 3.85 -12.03 16.05
N ALA B 377 3.72 -13.26 16.54
CA ALA B 377 4.86 -14.03 17.02
C ALA B 377 5.23 -15.13 16.03
N PHE B 378 6.49 -15.19 15.65
CA PHE B 378 6.99 -16.27 14.82
C PHE B 378 8.33 -16.72 15.34
N ASP B 379 8.68 -17.98 15.05
CA ASP B 379 10.01 -18.49 15.36
C ASP B 379 11.04 -17.79 14.46
N ASP B 380 11.58 -16.68 14.94
CA ASP B 380 12.54 -15.85 14.19
C ASP B 380 13.95 -16.40 14.33
N VAL B 381 14.67 -16.42 13.22
CA VAL B 381 16.03 -16.98 13.16
C VAL B 381 17.03 -15.97 12.61
N VAL B 382 18.20 -15.89 13.24
CA VAL B 382 19.30 -15.07 12.74
C VAL B 382 20.03 -15.86 11.65
N SER B 383 19.85 -15.46 10.38
CA SER B 383 20.51 -16.11 9.25
C SER B 383 21.99 -15.77 9.23
N GLU B 384 22.77 -16.59 8.50
CA GLU B 384 24.23 -16.40 8.38
C GLU B 384 24.64 -14.95 8.06
N ASP B 385 23.78 -14.25 7.30
CA ASP B 385 23.96 -12.83 6.97
C ASP B 385 23.73 -11.82 8.13
N GLY B 386 23.45 -12.34 9.33
CA GLY B 386 23.23 -11.51 10.52
C GLY B 386 21.94 -10.71 10.49
N ARG B 387 20.98 -11.21 9.71
CA ARG B 387 19.69 -10.58 9.51
C ARG B 387 18.56 -11.56 9.81
N VAL B 388 17.36 -11.02 10.04
CA VAL B 388 16.20 -11.86 10.30
C VAL B 388 15.21 -11.65 9.16
N HIS B 389 14.93 -12.73 8.43
CA HIS B 389 14.10 -12.66 7.24
C HIS B 389 12.68 -13.06 7.56
N ASP B 390 12.01 -12.19 8.30
CA ASP B 390 10.63 -12.44 8.74
C ASP B 390 9.61 -11.96 7.73
N GLN B 391 9.51 -12.72 6.64
CA GLN B 391 8.49 -12.49 5.62
C GLN B 391 7.11 -12.81 6.19
N ASN B 392 7.06 -13.78 7.09
CA ASN B 392 5.82 -14.19 7.77
C ASN B 392 5.14 -13.04 8.52
N ARG B 393 5.94 -12.26 9.25
CA ARG B 393 5.45 -11.11 10.01
C ARG B 393 5.05 -9.96 9.09
N ILE B 394 5.91 -9.72 8.09
CA ILE B 394 5.68 -8.69 7.07
C ILE B 394 4.31 -8.92 6.41
N ASP B 395 4.02 -10.16 6.05
CA ASP B 395 2.75 -10.51 5.40
C ASP B 395 1.56 -10.28 6.36
N TYR B 396 1.77 -10.60 7.64
CA TYR B 396 0.76 -10.39 8.67
C TYR B 396 0.46 -8.89 8.77
N LEU B 397 1.49 -8.11 9.07
CA LEU B 397 1.32 -6.69 9.25
C LEU B 397 0.64 -6.05 8.04
N LYS B 398 1.10 -6.42 6.84
CA LYS B 398 0.62 -5.84 5.58
C LYS B 398 -0.89 -6.00 5.42
N ALA B 399 -1.39 -7.22 5.60
CA ALA B 399 -2.82 -7.49 5.43
C ALA B 399 -3.67 -6.73 6.44
N HIS B 400 -3.15 -6.58 7.65
CA HIS B 400 -3.89 -5.91 8.73
C HIS B 400 -3.98 -4.41 8.52
N ILE B 401 -2.83 -3.78 8.28
CA ILE B 401 -2.75 -2.38 7.87
C ILE B 401 -3.64 -2.09 6.63
N GLY B 402 -3.74 -3.10 5.76
CA GLY B 402 -4.60 -3.02 4.57
C GLY B 402 -6.06 -3.01 4.94
N GLN B 403 -6.46 -3.88 5.86
CA GLN B 403 -7.84 -3.96 6.34
C GLN B 403 -8.24 -2.73 7.18
N ALA B 404 -7.27 -2.17 7.89
CA ALA B 404 -7.45 -0.92 8.63
C ALA B 404 -7.61 0.29 7.71
N TRP B 405 -6.88 0.28 6.61
CA TRP B 405 -7.04 1.32 5.58
C TRP B 405 -8.49 1.29 5.09
N LYS B 406 -8.97 0.07 4.80
CA LYS B 406 -10.32 -0.14 4.32
C LYS B 406 -11.37 0.40 5.30
N ALA B 407 -11.07 0.36 6.60
CA ALA B 407 -12.00 0.84 7.62
C ALA B 407 -12.13 2.36 7.57
N ILE B 408 -11.00 3.05 7.47
CA ILE B 408 -10.98 4.48 7.30
C ILE B 408 -11.86 4.95 6.10
N GLN B 409 -11.76 4.23 4.99
CA GLN B 409 -12.51 4.57 3.79
C GLN B 409 -14.02 4.52 4.06
N GLU B 410 -14.44 3.60 4.94
CA GLU B 410 -15.85 3.49 5.27
C GLU B 410 -16.25 4.38 6.47
N GLY B 411 -15.39 5.35 6.80
CA GLY B 411 -15.73 6.43 7.75
C GLY B 411 -15.34 6.30 9.22
N VAL B 412 -14.63 5.23 9.57
CA VAL B 412 -14.13 5.00 10.95
C VAL B 412 -13.02 6.00 11.24
N PRO B 413 -13.13 6.77 12.34
CA PRO B 413 -12.13 7.79 12.62
C PRO B 413 -10.82 7.27 13.21
N LEU B 414 -10.17 6.34 12.49
CA LEU B 414 -8.90 5.76 12.93
C LEU B 414 -7.73 6.73 12.77
N LYS B 415 -7.12 7.11 13.90
CA LYS B 415 -6.10 8.17 13.93
C LYS B 415 -4.66 7.69 14.05
N GLY B 416 -4.43 6.38 14.17
CA GLY B 416 -3.09 5.85 14.38
C GLY B 416 -3.00 4.33 14.45
N TYR B 417 -1.77 3.83 14.36
CA TYR B 417 -1.53 2.39 14.34
C TYR B 417 -0.19 2.13 15.00
N PHE B 418 -0.18 1.27 16.02
CA PHE B 418 1.03 0.91 16.76
C PHE B 418 1.28 -0.56 16.58
N VAL B 419 2.51 -0.92 16.24
CA VAL B 419 2.85 -2.34 16.09
C VAL B 419 3.27 -2.87 17.46
N TRP B 420 2.78 -4.04 17.80
CA TRP B 420 3.32 -4.72 18.95
C TRP B 420 4.25 -5.79 18.39
N SER B 421 5.55 -5.75 18.70
CA SER B 421 6.19 -4.77 19.58
C SER B 421 7.47 -4.25 18.89
N LEU B 422 8.05 -3.17 19.42
CA LEU B 422 9.39 -2.73 19.01
C LEU B 422 10.43 -3.84 19.17
N LEU B 423 10.38 -4.54 20.30
CA LEU B 423 11.38 -5.53 20.65
C LEU B 423 10.75 -6.87 20.94
N ASP B 424 11.51 -7.95 20.68
CA ASP B 424 11.22 -9.23 21.35
C ASP B 424 11.27 -8.97 22.86
N ASN B 425 10.42 -9.65 23.62
CA ASN B 425 10.35 -9.38 25.05
C ASN B 425 9.73 -10.49 25.87
N PHE B 426 9.46 -10.21 27.15
CA PHE B 426 8.86 -11.20 28.06
C PHE B 426 7.36 -11.33 27.77
N GLU B 427 6.97 -12.42 27.12
CA GLU B 427 5.57 -12.61 26.75
C GLU B 427 4.78 -13.29 27.88
N TRP B 428 4.86 -12.69 29.07
CA TRP B 428 4.03 -13.08 30.21
C TRP B 428 4.16 -14.57 30.57
N ALA B 429 3.05 -15.31 30.68
CA ALA B 429 3.13 -16.77 31.01
C ALA B 429 3.95 -17.58 30.00
N GLU B 430 4.13 -17.05 28.80
CA GLU B 430 4.95 -17.72 27.74
C GLU B 430 6.44 -17.46 27.91
N GLY B 431 6.79 -16.52 28.79
CA GLY B 431 8.17 -16.12 28.97
C GLY B 431 8.80 -15.59 27.68
N TYR B 432 10.09 -15.91 27.48
CA TYR B 432 10.86 -15.35 26.38
C TYR B 432 10.75 -16.15 25.09
N SER B 433 9.85 -17.14 25.10
CA SER B 433 9.69 -18.09 24.00
C SER B 433 8.90 -17.54 22.82
N LYS B 434 8.27 -16.38 23.01
CA LYS B 434 7.41 -15.84 21.97
C LYS B 434 7.93 -14.48 21.58
N ARG B 435 8.25 -14.34 20.29
CA ARG B 435 8.94 -13.14 19.81
C ARG B 435 7.98 -12.35 18.92
N PHE B 436 7.62 -11.14 19.37
CA PHE B 436 6.63 -10.28 18.72
C PHE B 436 7.31 -9.08 18.05
N GLY B 437 8.57 -8.86 18.37
CA GLY B 437 9.29 -7.67 17.95
C GLY B 437 9.45 -7.51 16.43
N ILE B 438 9.64 -6.27 15.99
CA ILE B 438 10.16 -5.98 14.64
C ILE B 438 11.68 -5.79 14.76
N VAL B 439 12.15 -5.70 16.02
CA VAL B 439 13.56 -5.76 16.37
C VAL B 439 13.83 -7.04 17.20
N TYR B 440 14.70 -7.91 16.68
CA TYR B 440 15.16 -9.12 17.39
C TYR B 440 16.06 -8.72 18.55
N VAL B 441 16.04 -9.54 19.62
CA VAL B 441 16.87 -9.32 20.79
C VAL B 441 17.55 -10.63 21.12
N ASP B 442 18.88 -10.58 21.09
CA ASP B 442 19.68 -11.72 21.46
C ASP B 442 19.93 -11.57 22.95
N TYR B 443 19.24 -12.41 23.72
CA TYR B 443 19.21 -12.28 25.18
C TYR B 443 20.54 -12.60 25.86
N SER B 444 21.35 -13.46 25.24
CA SER B 444 22.70 -13.76 25.75
C SER B 444 23.65 -12.55 25.69
N THR B 445 23.48 -11.70 24.68
CA THR B 445 24.36 -10.54 24.50
C THR B 445 23.66 -9.19 24.67
N GLN B 446 22.32 -9.21 24.59
CA GLN B 446 21.47 -8.00 24.55
C GLN B 446 21.61 -7.19 23.26
N LYS B 447 22.08 -7.87 22.20
CA LYS B 447 22.24 -7.26 20.88
C LYS B 447 20.88 -7.10 20.19
N ARG B 448 20.63 -5.90 19.67
CA ARG B 448 19.48 -5.62 18.83
C ARG B 448 19.82 -5.90 17.38
N ILE B 449 18.93 -6.62 16.69
CA ILE B 449 19.05 -6.87 15.25
C ILE B 449 17.69 -6.59 14.61
N VAL B 450 17.56 -5.42 13.97
CA VAL B 450 16.33 -5.05 13.27
C VAL B 450 15.94 -6.15 12.29
N LYS B 451 14.66 -6.50 12.28
CA LYS B 451 14.16 -7.50 11.35
C LYS B 451 13.72 -6.84 10.04
N ASP B 452 13.48 -7.66 9.02
CA ASP B 452 13.04 -7.13 7.72
C ASP B 452 11.71 -6.40 7.87
N SER B 453 10.77 -6.99 8.63
CA SER B 453 9.54 -6.29 9.04
C SER B 453 9.84 -4.89 9.57
N GLY B 454 10.92 -4.77 10.33
CA GLY B 454 11.37 -3.48 10.83
C GLY B 454 11.66 -2.49 9.72
N TYR B 455 12.30 -2.97 8.64
CA TYR B 455 12.66 -2.13 7.49
C TYR B 455 11.44 -1.83 6.63
N TRP B 456 10.61 -2.83 6.46
CA TRP B 456 9.38 -2.70 5.71
C TRP B 456 8.37 -1.76 6.40
N TYR B 457 8.30 -1.82 7.73
CA TYR B 457 7.44 -0.93 8.47
C TYR B 457 8.03 0.47 8.43
N SER B 458 9.37 0.54 8.45
CA SER B 458 10.09 1.79 8.28
C SER B 458 9.67 2.45 6.98
N ASN B 459 9.44 1.62 5.97
CA ASN B 459 8.89 2.06 4.69
C ASN B 459 7.49 2.62 4.78
N VAL B 460 6.58 1.81 5.34
CA VAL B 460 5.17 2.18 5.52
C VAL B 460 5.04 3.57 6.13
N VAL B 461 5.79 3.83 7.21
CA VAL B 461 5.76 5.14 7.88
C VAL B 461 6.13 6.26 6.90
N LYS B 462 7.30 6.09 6.26
CA LYS B 462 7.84 7.04 5.27
C LYS B 462 6.85 7.35 4.14
N ASN B 463 6.12 6.33 3.70
CA ASN B 463 5.10 6.48 2.66
C ASN B 463 3.70 6.82 3.13
N ASN B 464 3.48 6.82 4.45
CA ASN B 464 2.13 6.98 5.03
C ASN B 464 1.15 5.98 4.41
N GLY B 465 1.63 4.78 4.15
CA GLY B 465 0.80 3.74 3.55
C GLY B 465 1.56 2.59 2.94
N LEU B 466 0.83 1.73 2.25
CA LEU B 466 1.37 0.51 1.67
C LEU B 466 1.81 0.72 0.21
#